data_9MW8
#
_entry.id   9MW8
#
_cell.length_a   1.00
_cell.length_b   1.00
_cell.length_c   1.00
_cell.angle_alpha   90.00
_cell.angle_beta   90.00
_cell.angle_gamma   90.00
#
_symmetry.space_group_name_H-M   'P 1'
#
loop_
_entity.id
_entity.type
_entity.pdbx_description
1 polymer AncD1D2
2 polymer 'RNA (27-MER)'
3 polymer 'RNA (27-MER)'
4 non-polymer 'MAGNESIUM ION'
5 non-polymer "ADENOSINE-5'-DIPHOSPHATE"
#
loop_
_entity_poly.entity_id
_entity_poly.type
_entity_poly.pdbx_seq_one_letter_code
_entity_poly.pdbx_strand_id
1 'polypeptide(L)'
;MDETDEDEFTPRPYQVELLERAMKKNTIVCLGTGSGKTFIAVMLIKELAHEIRGPFNEGGKRTFFLVNTVPLVNQQAKVI
RKHTSLKVGEYVGDMGVDSWNKEKWNQEFEKHQVLVMTAQIFLDILNHGFISLSQVNLLIFDECHHAVKNHPYRQIMRHY
KNLEQNDRPRILGLTASVINSKCKPNQVEKKIKELEATLNSRVVTASDLEEVAVQKYATKPKEIIVSYNSDRKSDTSEVI
ENIINQALEQLSNIEETSNLNDTNSLKQIKKVLRDIKNILDELGPWCAHRVIKSRIRQLEKRESETAEELRTIRELLQSI
FEQIINVLKNLEKLQKNNSVEFVSPKVKKLLEILKQYFSNNNNSSKELCGIIFVERRYTAYVLYKLLNELSAKRDDDFSF
IKCDFVVGHNSSPSSKEKSTEMNSKKQKEVLKKFRKGECNLLVATSVVEEGIDIPKCNLVVRFDLPKNFRSYVQSKGRAR
AKNSKYIIMVEEDEKNKFQEDLNQYQEIEKILLRLCHNRDAPSEEDFDSFEDELLPPYMPYGTDGPRVTMSSAISLLHRY
CSKLPSDRFTTLTPKFTYIEQNNEEENKMFRCTLRLPINSPLREPITGQPMPSKKLAKRSAALEACKKLHEMGELDDHLL
PVKISRKNAELK
;
A
2 'polyribonucleotide' AUACGUCCUGAUAGUUAGUAUCCAUCG B
3 'polyribonucleotide' CGAUGGAUACUAACUAUCAGGACGUAU C
#
loop_
_chem_comp.id
_chem_comp.type
_chem_comp.name
_chem_comp.formula
A RNA linking ADENOSINE-5'-MONOPHOSPHATE 'C10 H14 N5 O7 P'
ADP non-polymer ADENOSINE-5'-DIPHOSPHATE 'C10 H15 N5 O10 P2'
C RNA linking CYTIDINE-5'-MONOPHOSPHATE 'C9 H14 N3 O8 P'
G RNA linking GUANOSINE-5'-MONOPHOSPHATE 'C10 H14 N5 O8 P'
MG non-polymer 'MAGNESIUM ION' 'Mg 2'
U RNA linking URIDINE-5'-MONOPHOSPHATE 'C9 H13 N2 O9 P'
#
# COMPACT_ATOMS: atom_id res chain seq x y z
N GLU A 6 19.61 -23.99 17.25
CA GLU A 6 18.26 -23.68 16.80
C GLU A 6 17.39 -23.40 18.03
N ASP A 7 16.29 -22.66 17.84
CA ASP A 7 15.57 -22.06 18.95
C ASP A 7 15.06 -23.08 19.96
N GLU A 8 14.72 -24.28 19.51
CA GLU A 8 14.11 -25.32 20.36
C GLU A 8 12.82 -24.81 20.99
N PHE A 9 11.85 -24.52 20.13
CA PHE A 9 10.55 -24.05 20.60
C PHE A 9 9.83 -25.16 21.36
N THR A 10 8.93 -24.74 22.25
CA THR A 10 8.09 -25.66 23.00
C THR A 10 6.63 -25.30 22.72
N PRO A 11 5.82 -26.25 22.27
CA PRO A 11 4.42 -25.93 21.97
C PRO A 11 3.66 -25.51 23.22
N ARG A 12 2.70 -24.63 23.02
CA ARG A 12 1.78 -24.20 24.06
C ARG A 12 0.40 -24.80 23.81
N PRO A 13 -0.39 -25.01 24.87
CA PRO A 13 -1.65 -25.76 24.70
C PRO A 13 -2.61 -25.16 23.68
N TYR A 14 -2.74 -23.83 23.65
CA TYR A 14 -3.66 -23.24 22.70
C TYR A 14 -3.16 -23.38 21.27
N GLN A 15 -1.84 -23.44 21.08
CA GLN A 15 -1.30 -23.65 19.73
C GLN A 15 -1.76 -24.99 19.17
N VAL A 16 -1.61 -26.07 19.95
CA VAL A 16 -2.04 -27.38 19.48
C VAL A 16 -3.56 -27.43 19.36
N GLU A 17 -4.27 -26.78 20.28
CA GLU A 17 -5.72 -26.74 20.20
C GLU A 17 -6.19 -26.10 18.91
N LEU A 18 -5.52 -25.03 18.47
CA LEU A 18 -5.88 -24.40 17.21
C LEU A 18 -5.41 -25.26 16.02
N LEU A 19 -4.26 -25.92 16.15
CA LEU A 19 -3.76 -26.72 15.04
C LEU A 19 -4.69 -27.88 14.71
N GLU A 20 -5.20 -28.57 15.72
CA GLU A 20 -6.10 -29.69 15.44
C GLU A 20 -7.36 -29.22 14.73
N ARG A 21 -7.92 -28.09 15.16
CA ARG A 21 -9.12 -27.56 14.52
C ARG A 21 -8.83 -27.12 13.10
N ALA A 22 -7.66 -26.51 12.86
CA ALA A 22 -7.30 -26.08 11.52
C ALA A 22 -7.13 -27.28 10.59
N MET A 23 -6.51 -28.35 11.07
CA MET A 23 -6.34 -29.55 10.26
C MET A 23 -7.69 -30.20 9.97
N LYS A 24 -8.60 -30.22 10.94
CA LYS A 24 -9.88 -30.89 10.73
C LYS A 24 -10.69 -30.22 9.63
N LYS A 25 -10.71 -28.89 9.58
CA LYS A 25 -11.57 -28.18 8.65
C LYS A 25 -10.96 -26.82 8.33
N ASN A 26 -11.32 -26.29 7.16
CA ASN A 26 -10.87 -24.96 6.78
C ASN A 26 -11.40 -23.92 7.76
N THR A 27 -10.50 -23.06 8.24
CA THR A 27 -10.85 -22.14 9.32
C THR A 27 -10.08 -20.84 9.17
N ILE A 28 -10.54 -19.82 9.88
CA ILE A 28 -9.90 -18.51 9.94
C ILE A 28 -9.50 -18.25 11.39
N VAL A 29 -8.24 -17.89 11.60
CA VAL A 29 -7.69 -17.71 12.94
C VAL A 29 -7.80 -16.25 13.34
N CYS A 30 -8.43 -15.99 14.48
CA CYS A 30 -8.55 -14.65 15.05
C CYS A 30 -7.84 -14.64 16.39
N LEU A 31 -6.74 -13.90 16.48
CA LEU A 31 -5.93 -13.87 17.69
C LEU A 31 -5.39 -12.46 17.90
N GLY A 32 -5.02 -12.18 19.14
CA GLY A 32 -4.40 -10.90 19.45
C GLY A 32 -3.00 -10.79 18.89
N THR A 33 -2.55 -9.55 18.72
CA THR A 33 -1.23 -9.31 18.16
C THR A 33 -0.14 -9.84 19.10
N GLY A 34 0.92 -10.35 18.49
CA GLY A 34 2.02 -10.93 19.25
C GLY A 34 1.79 -12.34 19.74
N SER A 35 0.66 -12.95 19.40
CA SER A 35 0.36 -14.31 19.84
C SER A 35 1.21 -15.37 19.17
N GLY A 36 1.51 -15.24 17.88
CA GLY A 36 2.31 -16.22 17.19
C GLY A 36 1.55 -17.06 16.19
N LYS A 37 0.61 -16.44 15.45
CA LYS A 37 -0.12 -17.16 14.42
C LYS A 37 0.81 -17.61 13.30
N THR A 38 1.93 -16.91 13.09
CA THR A 38 2.91 -17.35 12.12
C THR A 38 3.44 -18.73 12.47
N PHE A 39 3.64 -19.00 13.76
CA PHE A 39 4.10 -20.33 14.16
C PHE A 39 3.02 -21.38 13.95
N ILE A 40 1.74 -20.99 14.10
CA ILE A 40 0.66 -21.92 13.78
C ILE A 40 0.71 -22.29 12.31
N ALA A 41 0.91 -21.30 11.44
CA ALA A 41 1.05 -21.59 10.02
C ALA A 41 2.27 -22.46 9.75
N VAL A 42 3.38 -22.21 10.45
CA VAL A 42 4.59 -23.00 10.26
C VAL A 42 4.33 -24.46 10.60
N MET A 43 3.68 -24.70 11.74
CA MET A 43 3.43 -26.08 12.16
C MET A 43 2.47 -26.77 11.19
N LEU A 44 1.42 -26.06 10.76
CA LEU A 44 0.48 -26.63 9.80
C LEU A 44 1.17 -26.99 8.50
N ILE A 45 2.10 -26.16 8.04
CA ILE A 45 2.89 -26.48 6.85
C ILE A 45 3.73 -27.72 7.10
N LYS A 46 4.39 -27.79 8.27
CA LYS A 46 5.32 -28.88 8.54
C LYS A 46 4.62 -30.22 8.65
N GLU A 47 3.34 -30.22 9.06
CA GLU A 47 2.68 -31.50 9.31
C GLU A 47 2.35 -32.24 8.01
N LEU A 48 1.97 -31.51 6.96
CA LEU A 48 1.55 -32.11 5.70
C LEU A 48 2.65 -32.07 4.63
N ALA A 49 3.91 -32.27 5.02
CA ALA A 49 5.02 -32.13 4.10
C ALA A 49 5.26 -33.36 3.23
N HIS A 50 4.50 -34.44 3.42
CA HIS A 50 4.78 -35.67 2.67
C HIS A 50 4.40 -35.54 1.21
N GLU A 51 3.28 -34.86 0.91
CA GLU A 51 2.80 -34.77 -0.47
C GLU A 51 3.74 -33.95 -1.34
N ILE A 52 4.45 -32.98 -0.76
CA ILE A 52 5.29 -32.08 -1.55
C ILE A 52 6.47 -32.82 -2.18
N ARG A 53 6.85 -33.98 -1.65
CA ARG A 53 8.02 -34.68 -2.14
C ARG A 53 7.88 -35.15 -3.59
N GLY A 54 6.65 -35.28 -4.09
CA GLY A 54 6.43 -35.79 -5.43
C GLY A 54 6.94 -34.88 -6.52
N PRO A 55 7.36 -35.48 -7.64
CA PRO A 55 7.83 -34.66 -8.77
C PRO A 55 6.69 -33.91 -9.43
N PHE A 56 7.03 -32.76 -10.02
CA PHE A 56 6.01 -31.94 -10.66
C PHE A 56 5.47 -32.60 -11.92
N ASN A 57 6.34 -33.23 -12.71
CA ASN A 57 5.90 -33.83 -13.96
C ASN A 57 4.90 -34.96 -13.74
N GLU A 58 4.94 -35.59 -12.58
CA GLU A 58 4.01 -36.67 -12.25
C GLU A 58 2.78 -36.19 -11.50
N GLY A 59 2.64 -34.88 -11.29
CA GLY A 59 1.49 -34.33 -10.61
C GLY A 59 1.68 -34.00 -9.15
N GLY A 60 2.91 -34.02 -8.64
CA GLY A 60 3.16 -33.64 -7.27
C GLY A 60 2.75 -32.22 -6.97
N LYS A 61 1.88 -32.05 -5.97
CA LYS A 61 1.31 -30.75 -5.69
C LYS A 61 2.33 -29.85 -4.99
N ARG A 62 1.98 -28.57 -4.89
CA ARG A 62 2.85 -27.57 -4.28
C ARG A 62 2.02 -26.67 -3.36
N THR A 63 2.71 -26.07 -2.40
CA THR A 63 2.08 -25.21 -1.40
C THR A 63 2.58 -23.78 -1.57
N PHE A 64 1.65 -22.83 -1.61
CA PHE A 64 1.95 -21.43 -1.86
C PHE A 64 1.71 -20.59 -0.61
N PHE A 65 2.40 -19.46 -0.52
CA PHE A 65 2.19 -18.47 0.53
C PHE A 65 2.13 -17.10 -0.11
N LEU A 66 1.08 -16.34 0.20
CA LEU A 66 0.85 -15.03 -0.37
C LEU A 66 0.85 -13.99 0.74
N VAL A 67 1.42 -12.82 0.45
CA VAL A 67 1.52 -11.72 1.41
C VAL A 67 1.28 -10.41 0.67
N ASN A 68 1.07 -9.35 1.44
CA ASN A 68 0.57 -8.09 0.88
C ASN A 68 1.67 -7.25 0.23
N THR A 69 2.65 -6.82 1.02
CA THR A 69 3.64 -5.84 0.56
C THR A 69 5.00 -6.51 0.36
N VAL A 70 6.00 -5.67 0.06
CA VAL A 70 7.30 -6.19 -0.36
C VAL A 70 8.15 -6.69 0.81
N PRO A 71 8.41 -5.91 1.85
CA PRO A 71 9.33 -6.40 2.91
C PRO A 71 8.84 -7.67 3.60
N LEU A 72 7.52 -7.85 3.72
CA LEU A 72 7.00 -9.06 4.34
C LEU A 72 7.39 -10.29 3.55
N VAL A 73 7.64 -10.14 2.24
CA VAL A 73 8.09 -11.28 1.44
C VAL A 73 9.39 -11.86 2.01
N ASN A 74 10.33 -10.98 2.33
CA ASN A 74 11.57 -11.45 2.96
C ASN A 74 11.33 -11.86 4.40
N GLN A 75 10.47 -11.12 5.11
CA GLN A 75 10.28 -11.37 6.54
C GLN A 75 9.74 -12.79 6.80
N GLN A 76 8.65 -13.15 6.13
CA GLN A 76 8.09 -14.49 6.33
C GLN A 76 8.99 -15.57 5.76
N ALA A 77 9.65 -15.30 4.63
CA ALA A 77 10.51 -16.30 4.01
C ALA A 77 11.68 -16.67 4.91
N LYS A 78 12.27 -15.69 5.60
CA LYS A 78 13.38 -15.99 6.49
C LYS A 78 12.94 -16.91 7.63
N VAL A 79 11.76 -16.64 8.22
CA VAL A 79 11.24 -17.49 9.29
C VAL A 79 10.99 -18.90 8.78
N ILE A 80 10.34 -19.01 7.62
CA ILE A 80 10.01 -20.32 7.09
C ILE A 80 11.27 -21.10 6.74
N ARG A 81 12.32 -20.41 6.28
CA ARG A 81 13.58 -21.08 5.97
C ARG A 81 14.30 -21.51 7.24
N LYS A 82 14.25 -20.68 8.29
CA LYS A 82 14.98 -21.00 9.50
C LYS A 82 14.34 -22.17 10.25
N HIS A 83 13.01 -22.19 10.35
CA HIS A 83 12.36 -23.15 11.22
C HIS A 83 12.05 -24.48 10.54
N THR A 84 12.21 -24.58 9.22
CA THR A 84 11.92 -25.82 8.50
C THR A 84 13.09 -26.17 7.59
N SER A 85 13.19 -27.45 7.27
CA SER A 85 14.19 -27.95 6.34
C SER A 85 13.74 -27.87 4.88
N LEU A 86 12.48 -27.53 4.64
CA LEU A 86 11.97 -27.44 3.28
C LEU A 86 12.60 -26.26 2.54
N LYS A 87 12.84 -26.45 1.25
CA LYS A 87 13.39 -25.37 0.43
C LYS A 87 12.28 -24.41 0.02
N VAL A 88 12.58 -23.11 0.09
CA VAL A 88 11.62 -22.08 -0.23
C VAL A 88 12.18 -21.20 -1.34
N GLY A 89 11.27 -20.61 -2.11
CA GLY A 89 11.66 -19.71 -3.19
C GLY A 89 11.10 -18.33 -2.96
N GLU A 90 11.80 -17.33 -3.49
CA GLU A 90 11.43 -15.93 -3.30
C GLU A 90 11.41 -15.22 -4.65
N TYR A 91 10.29 -14.56 -4.95
CA TYR A 91 10.15 -13.81 -6.19
C TYR A 91 9.32 -12.55 -5.94
N VAL A 92 9.79 -11.43 -6.47
CA VAL A 92 9.07 -10.17 -6.41
C VAL A 92 9.22 -9.48 -7.76
N GLY A 93 8.49 -8.37 -7.94
CA GLY A 93 8.40 -7.73 -9.23
C GLY A 93 9.65 -7.00 -9.69
N ASP A 94 10.63 -6.87 -8.82
CA ASP A 94 11.82 -6.08 -9.18
C ASP A 94 12.60 -6.73 -10.31
N MET A 95 12.78 -8.05 -10.26
CA MET A 95 13.61 -8.73 -11.26
C MET A 95 12.89 -8.97 -12.58
N GLY A 96 11.71 -8.39 -12.78
CA GLY A 96 11.03 -8.51 -14.06
C GLY A 96 10.64 -9.93 -14.41
N VAL A 97 10.04 -10.64 -13.46
CA VAL A 97 9.67 -12.03 -13.67
C VAL A 97 8.60 -12.19 -14.74
N ASP A 98 7.95 -11.09 -15.14
CA ASP A 98 6.86 -11.18 -16.12
C ASP A 98 7.37 -11.59 -17.49
N SER A 99 8.59 -11.17 -17.85
CA SER A 99 9.13 -11.39 -19.18
C SER A 99 9.63 -12.81 -19.40
N TRP A 100 9.31 -13.75 -18.51
CA TRP A 100 9.76 -15.13 -18.63
C TRP A 100 8.81 -15.94 -19.51
N ASN A 101 9.26 -17.13 -19.88
CA ASN A 101 8.49 -18.07 -20.69
C ASN A 101 8.19 -19.33 -19.87
N LYS A 102 7.49 -20.27 -20.51
CA LYS A 102 6.95 -21.43 -19.81
C LYS A 102 8.07 -22.30 -19.22
N GLU A 103 9.14 -22.51 -19.98
CA GLU A 103 10.19 -23.43 -19.54
C GLU A 103 10.88 -22.93 -18.27
N LYS A 104 11.15 -21.63 -18.19
CA LYS A 104 11.80 -21.09 -17.00
C LYS A 104 10.91 -21.25 -15.77
N TRP A 105 9.61 -21.01 -15.93
CA TRP A 105 8.69 -21.21 -14.81
C TRP A 105 8.64 -22.68 -14.40
N ASN A 106 8.68 -23.59 -15.37
CA ASN A 106 8.72 -25.01 -15.05
C ASN A 106 9.96 -25.36 -14.24
N GLN A 107 11.11 -24.82 -14.64
CA GLN A 107 12.35 -25.06 -13.90
C GLN A 107 12.25 -24.50 -12.48
N GLU A 108 11.76 -23.27 -12.35
CA GLU A 108 11.65 -22.66 -11.02
C GLU A 108 10.72 -23.47 -10.12
N PHE A 109 9.59 -23.93 -10.67
CA PHE A 109 8.68 -24.76 -9.87
C PHE A 109 9.33 -26.09 -9.50
N GLU A 110 10.11 -26.68 -10.41
CA GLU A 110 10.79 -27.92 -10.10
C GLU A 110 11.79 -27.75 -8.96
N LYS A 111 12.53 -26.63 -8.96
CA LYS A 111 13.54 -26.42 -7.93
C LYS A 111 12.93 -26.27 -6.54
N HIS A 112 11.94 -25.39 -6.41
CA HIS A 112 11.42 -25.03 -5.10
C HIS A 112 10.24 -25.90 -4.71
N GLN A 113 10.08 -26.11 -3.40
CA GLN A 113 8.93 -26.82 -2.85
C GLN A 113 7.88 -25.86 -2.30
N VAL A 114 8.32 -24.78 -1.66
CA VAL A 114 7.43 -23.76 -1.10
C VAL A 114 7.77 -22.43 -1.76
N LEU A 115 6.75 -21.70 -2.19
CA LEU A 115 6.94 -20.44 -2.88
C LEU A 115 6.18 -19.33 -2.15
N VAL A 116 6.81 -18.17 -2.04
CA VAL A 116 6.19 -16.98 -1.47
C VAL A 116 6.34 -15.83 -2.46
N MET A 117 5.22 -15.18 -2.77
CA MET A 117 5.14 -14.07 -3.72
C MET A 117 3.95 -13.21 -3.33
N THR A 118 3.88 -12.02 -3.91
CA THR A 118 2.74 -11.15 -3.69
C THR A 118 1.53 -11.68 -4.46
N ALA A 119 0.41 -10.98 -4.32
CA ALA A 119 -0.84 -11.43 -4.92
C ALA A 119 -0.87 -11.20 -6.43
N GLN A 120 -0.35 -10.04 -6.89
CA GLN A 120 -0.47 -9.69 -8.30
C GLN A 120 0.30 -10.65 -9.19
N ILE A 121 1.51 -11.05 -8.76
CA ILE A 121 2.29 -11.98 -9.56
C ILE A 121 1.59 -13.33 -9.65
N PHE A 122 1.01 -13.78 -8.53
CA PHE A 122 0.25 -15.03 -8.52
C PHE A 122 -0.91 -14.96 -9.49
N LEU A 123 -1.65 -13.84 -9.48
CA LEU A 123 -2.78 -13.70 -10.39
C LEU A 123 -2.32 -13.68 -11.84
N ASP A 124 -1.21 -12.99 -12.12
CA ASP A 124 -0.69 -12.94 -13.49
C ASP A 124 -0.29 -14.33 -13.97
N ILE A 125 0.36 -15.11 -13.10
CA ILE A 125 0.75 -16.46 -13.48
C ILE A 125 -0.49 -17.33 -13.72
N LEU A 126 -1.48 -17.24 -12.83
CA LEU A 126 -2.63 -18.13 -12.93
C LEU A 126 -3.49 -17.78 -14.15
N ASN A 127 -3.59 -16.50 -14.49
CA ASN A 127 -4.42 -16.09 -15.61
C ASN A 127 -3.90 -16.62 -16.94
N HIS A 128 -2.58 -16.60 -17.12
CA HIS A 128 -1.97 -17.01 -18.38
C HIS A 128 -1.90 -18.52 -18.53
N GLY A 129 -2.53 -19.28 -17.64
CA GLY A 129 -2.57 -20.73 -17.77
C GLY A 129 -1.25 -21.43 -17.53
N PHE A 130 -0.30 -20.79 -16.86
CA PHE A 130 0.98 -21.42 -16.61
C PHE A 130 0.93 -22.45 -15.49
N ILE A 131 -0.10 -22.40 -14.63
CA ILE A 131 -0.26 -23.36 -13.55
C ILE A 131 -1.73 -23.78 -13.49
N SER A 132 -1.96 -24.97 -12.93
CA SER A 132 -3.30 -25.49 -12.73
C SER A 132 -3.61 -25.48 -11.24
N LEU A 133 -4.83 -25.08 -10.88
CA LEU A 133 -5.20 -25.02 -9.47
C LEU A 133 -5.21 -26.39 -8.81
N SER A 134 -5.34 -27.46 -9.59
CA SER A 134 -5.34 -28.80 -9.02
C SER A 134 -3.99 -29.18 -8.44
N GLN A 135 -2.93 -28.43 -8.77
CA GLN A 135 -1.60 -28.71 -8.25
C GLN A 135 -1.29 -27.95 -6.98
N VAL A 136 -2.25 -27.20 -6.43
CA VAL A 136 -2.02 -26.45 -5.20
C VAL A 136 -2.31 -27.34 -4.01
N ASN A 137 -1.31 -27.54 -3.16
CA ASN A 137 -1.48 -28.33 -1.95
C ASN A 137 -2.10 -27.51 -0.82
N LEU A 138 -1.51 -26.37 -0.51
CA LEU A 138 -2.04 -25.50 0.53
C LEU A 138 -1.72 -24.05 0.19
N LEU A 139 -2.69 -23.17 0.45
CA LEU A 139 -2.54 -21.74 0.20
C LEU A 139 -2.88 -21.00 1.49
N ILE A 140 -2.05 -20.02 1.84
CA ILE A 140 -2.18 -19.29 3.09
C ILE A 140 -2.41 -17.82 2.78
N PHE A 141 -3.41 -17.23 3.45
CA PHE A 141 -3.84 -15.86 3.21
C PHE A 141 -3.37 -14.99 4.36
N ASP A 142 -2.41 -14.10 4.08
CA ASP A 142 -1.93 -13.14 5.07
C ASP A 142 -2.75 -11.87 4.99
N GLU A 143 -3.19 -11.37 6.15
CA GLU A 143 -4.07 -10.21 6.23
C GLU A 143 -5.36 -10.45 5.43
N CYS A 144 -6.12 -11.45 5.88
CA CYS A 144 -7.30 -11.88 5.15
C CYS A 144 -8.44 -10.87 5.18
N HIS A 145 -8.27 -9.73 5.84
CA HIS A 145 -9.31 -8.72 5.86
C HIS A 145 -9.23 -7.74 4.69
N HIS A 146 -8.25 -7.90 3.80
CA HIS A 146 -8.12 -7.02 2.65
C HIS A 146 -8.84 -7.54 1.42
N ALA A 147 -9.43 -8.73 1.49
CA ALA A 147 -10.11 -9.34 0.34
C ALA A 147 -11.52 -8.76 0.25
N VAL A 148 -11.63 -7.60 -0.39
CA VAL A 148 -12.91 -6.90 -0.52
C VAL A 148 -12.98 -6.29 -1.91
N LYS A 149 -14.19 -6.25 -2.47
CA LYS A 149 -14.47 -5.58 -3.74
C LYS A 149 -13.67 -6.17 -4.89
N ASN A 150 -12.66 -5.46 -5.36
CA ASN A 150 -11.88 -5.87 -6.53
C ASN A 150 -10.42 -6.15 -6.18
N HIS A 151 -10.15 -6.50 -4.93
CA HIS A 151 -8.80 -6.85 -4.53
C HIS A 151 -8.38 -8.14 -5.22
N PRO A 152 -7.09 -8.29 -5.53
CA PRO A 152 -6.63 -9.51 -6.21
C PRO A 152 -7.00 -10.80 -5.49
N TYR A 153 -7.09 -10.77 -4.16
CA TYR A 153 -7.52 -11.96 -3.42
C TYR A 153 -8.88 -12.44 -3.92
N ARG A 154 -9.81 -11.51 -4.15
CA ARG A 154 -11.14 -11.90 -4.60
C ARG A 154 -11.10 -12.54 -5.98
N GLN A 155 -10.25 -12.04 -6.88
CA GLN A 155 -10.13 -12.65 -8.20
C GLN A 155 -9.54 -14.05 -8.11
N ILE A 156 -8.55 -14.24 -7.23
CA ILE A 156 -7.99 -15.58 -7.03
C ILE A 156 -9.06 -16.52 -6.49
N MET A 157 -9.89 -16.03 -5.57
CA MET A 157 -11.00 -16.83 -5.06
C MET A 157 -11.99 -17.18 -6.18
N ARG A 158 -12.28 -16.21 -7.05
CA ARG A 158 -13.17 -16.47 -8.17
C ARG A 158 -12.61 -17.56 -9.07
N HIS A 159 -11.29 -17.54 -9.29
CA HIS A 159 -10.65 -18.64 -9.99
C HIS A 159 -10.84 -19.96 -9.24
N TYR A 160 -10.73 -19.91 -7.91
CA TYR A 160 -10.86 -21.12 -7.10
C TYR A 160 -12.25 -21.72 -7.18
N LYS A 161 -13.28 -20.90 -7.34
CA LYS A 161 -14.65 -21.38 -7.18
C LYS A 161 -14.99 -22.47 -8.19
N ASN A 162 -14.57 -22.31 -9.45
CA ASN A 162 -14.98 -23.23 -10.50
C ASN A 162 -14.36 -24.62 -10.35
N LEU A 163 -13.28 -24.75 -9.58
CA LEU A 163 -12.60 -26.04 -9.47
C LEU A 163 -13.47 -27.06 -8.76
N GLU A 164 -13.28 -28.32 -9.11
CA GLU A 164 -14.02 -29.41 -8.48
C GLU A 164 -13.57 -29.61 -7.04
N GLN A 165 -14.52 -30.05 -6.20
CA GLN A 165 -14.28 -30.11 -4.76
C GLN A 165 -13.30 -31.21 -4.37
N ASN A 166 -13.04 -32.18 -5.25
CA ASN A 166 -12.18 -33.30 -4.87
C ASN A 166 -10.74 -32.85 -4.64
N ASP A 167 -10.21 -32.01 -5.53
CA ASP A 167 -8.82 -31.58 -5.46
C ASP A 167 -8.64 -30.17 -4.92
N ARG A 168 -9.69 -29.58 -4.34
CA ARG A 168 -9.56 -28.24 -3.77
C ARG A 168 -8.64 -28.27 -2.57
N PRO A 169 -7.66 -27.36 -2.49
CA PRO A 169 -6.80 -27.30 -1.31
C PRO A 169 -7.50 -26.63 -0.13
N ARG A 170 -6.89 -26.78 1.03
CA ARG A 170 -7.41 -26.16 2.24
C ARG A 170 -7.11 -24.66 2.24
N ILE A 171 -7.98 -23.89 2.91
CA ILE A 171 -7.85 -22.45 3.02
C ILE A 171 -7.75 -22.09 4.50
N LEU A 172 -6.73 -21.32 4.85
CA LEU A 172 -6.52 -20.85 6.21
C LEU A 172 -6.30 -19.34 6.20
N GLY A 173 -6.89 -18.66 7.17
CA GLY A 173 -6.84 -17.20 7.24
C GLY A 173 -6.14 -16.71 8.49
N LEU A 174 -5.32 -15.68 8.33
CA LEU A 174 -4.61 -15.03 9.43
C LEU A 174 -4.92 -13.54 9.40
N THR A 175 -5.34 -12.99 10.53
CA THR A 175 -5.62 -11.56 10.61
C THR A 175 -5.57 -11.12 12.07
N ALA A 176 -5.39 -9.82 12.24
CA ALA A 176 -5.55 -9.16 13.54
C ALA A 176 -6.77 -8.25 13.59
N SER A 177 -7.19 -7.72 12.45
CA SER A 177 -8.40 -6.91 12.33
C SER A 177 -9.34 -7.57 11.33
N VAL A 178 -10.64 -7.35 11.51
CA VAL A 178 -11.64 -7.96 10.65
C VAL A 178 -12.28 -6.94 9.72
N ILE A 179 -12.66 -5.78 10.23
CA ILE A 179 -13.37 -4.76 9.46
C ILE A 179 -12.35 -3.81 8.86
N ASN A 180 -12.47 -3.55 7.55
CA ASN A 180 -11.49 -2.73 6.85
C ASN A 180 -11.65 -1.25 7.15
N SER A 181 -12.88 -0.78 7.34
CA SER A 181 -13.16 0.63 7.54
C SER A 181 -14.10 0.81 8.71
N LYS A 182 -14.53 2.05 8.92
CA LYS A 182 -15.52 2.35 9.95
C LYS A 182 -16.85 1.69 9.60
N CYS A 183 -17.46 1.03 10.58
CA CYS A 183 -18.70 0.32 10.38
C CYS A 183 -19.68 0.68 11.49
N LYS A 184 -20.97 0.59 11.18
CA LYS A 184 -21.99 0.73 12.22
C LYS A 184 -21.97 -0.51 13.11
N PRO A 185 -22.40 -0.37 14.37
CA PRO A 185 -22.45 -1.55 15.25
C PRO A 185 -23.32 -2.66 14.71
N ASN A 186 -24.38 -2.34 13.98
CA ASN A 186 -25.25 -3.36 13.41
C ASN A 186 -24.63 -4.03 12.19
N GLN A 187 -23.91 -3.26 11.36
CA GLN A 187 -23.39 -3.77 10.10
C GLN A 187 -22.21 -4.72 10.28
N VAL A 188 -21.66 -4.82 11.50
CA VAL A 188 -20.53 -5.73 11.73
C VAL A 188 -20.92 -7.15 11.39
N GLU A 189 -22.14 -7.55 11.74
CA GLU A 189 -22.60 -8.89 11.43
C GLU A 189 -22.62 -9.14 9.92
N LYS A 190 -23.12 -8.17 9.16
CA LYS A 190 -23.16 -8.32 7.71
C LYS A 190 -21.76 -8.39 7.12
N LYS A 191 -20.85 -7.54 7.62
CA LYS A 191 -19.48 -7.56 7.10
C LYS A 191 -18.81 -8.90 7.37
N ILE A 192 -18.90 -9.40 8.61
CA ILE A 192 -18.25 -10.67 8.92
C ILE A 192 -18.92 -11.81 8.16
N LYS A 193 -20.24 -11.74 7.96
CA LYS A 193 -20.93 -12.78 7.19
C LYS A 193 -20.43 -12.80 5.75
N GLU A 194 -20.29 -11.62 5.15
CA GLU A 194 -19.76 -11.55 3.78
C GLU A 194 -18.34 -12.08 3.73
N LEU A 195 -17.53 -11.77 4.74
CA LEU A 195 -16.15 -12.25 4.75
C LEU A 195 -16.10 -13.77 4.79
N GLU A 196 -16.80 -14.39 5.75
CA GLU A 196 -16.72 -15.84 5.84
C GLU A 196 -17.46 -16.53 4.70
N ALA A 197 -18.37 -15.83 4.02
CA ALA A 197 -18.96 -16.37 2.81
C ALA A 197 -17.97 -16.36 1.65
N THR A 198 -17.20 -15.28 1.53
CA THR A 198 -16.21 -15.19 0.46
C THR A 198 -15.09 -16.20 0.65
N LEU A 199 -14.55 -16.30 1.87
CA LEU A 199 -13.43 -17.20 2.09
C LEU A 199 -13.84 -18.66 2.21
N ASN A 200 -15.14 -18.95 2.31
CA ASN A 200 -15.65 -20.32 2.43
C ASN A 200 -14.98 -21.07 3.59
N SER A 201 -14.84 -20.38 4.72
CA SER A 201 -14.24 -20.98 5.90
C SER A 201 -14.88 -20.36 7.14
N ARG A 202 -14.74 -21.06 8.26
CA ARG A 202 -15.34 -20.65 9.52
C ARG A 202 -14.27 -20.03 10.42
N VAL A 203 -14.49 -18.78 10.82
CA VAL A 203 -13.59 -18.14 11.77
C VAL A 203 -13.77 -18.78 13.14
N VAL A 204 -12.66 -19.02 13.83
CA VAL A 204 -12.68 -19.74 15.09
C VAL A 204 -11.96 -18.92 16.15
N THR A 205 -12.35 -19.14 17.42
CA THR A 205 -11.69 -18.55 18.57
C THR A 205 -11.67 -19.57 19.69
N ALA A 206 -10.47 -19.88 20.18
CA ALA A 206 -10.33 -20.89 21.21
C ALA A 206 -10.85 -20.38 22.55
N SER A 207 -11.38 -21.31 23.35
CA SER A 207 -11.76 -20.96 24.71
C SER A 207 -10.53 -20.68 25.57
N ASP A 208 -9.37 -21.22 25.19
CA ASP A 208 -8.16 -21.01 25.97
C ASP A 208 -7.62 -19.60 25.78
N LEU A 209 -7.60 -19.10 24.54
CA LEU A 209 -7.03 -17.78 24.30
C LEU A 209 -7.86 -16.67 24.95
N GLU A 210 -9.14 -16.90 25.19
CA GLU A 210 -9.96 -15.90 25.85
C GLU A 210 -9.55 -15.68 27.30
N GLU A 211 -9.05 -16.72 27.95
CA GLU A 211 -8.74 -16.69 29.37
C GLU A 211 -7.23 -16.76 29.58
N VAL A 212 -6.69 -15.75 30.26
CA VAL A 212 -5.33 -15.67 30.82
C VAL A 212 -4.22 -16.11 29.85
N ALA A 213 -4.49 -17.09 28.99
CA ALA A 213 -3.44 -17.69 28.18
C ALA A 213 -2.74 -16.65 27.31
N VAL A 214 -3.48 -16.03 26.39
CA VAL A 214 -2.87 -15.01 25.54
C VAL A 214 -2.80 -13.66 26.24
N GLN A 215 -3.55 -13.48 27.33
CA GLN A 215 -3.56 -12.19 28.01
C GLN A 215 -2.18 -11.85 28.56
N LYS A 216 -1.49 -12.83 29.14
CA LYS A 216 -0.11 -12.59 29.59
C LYS A 216 0.80 -12.28 28.41
N TYR A 217 0.66 -13.02 27.31
CA TYR A 217 1.53 -12.82 26.17
C TYR A 217 1.18 -11.54 25.40
N ALA A 218 -0.11 -11.25 25.25
CA ALA A 218 -0.50 -10.01 24.60
C ALA A 218 -0.25 -8.81 25.50
N THR A 219 -0.07 -7.65 24.89
CA THR A 219 0.21 -6.41 25.59
C THR A 219 -0.82 -5.35 25.19
N LYS A 220 -1.11 -4.45 26.13
CA LYS A 220 -2.02 -3.34 25.89
C LYS A 220 -1.36 -2.05 26.35
N PRO A 221 -1.38 -1.00 25.53
CA PRO A 221 -0.73 0.26 25.91
C PRO A 221 -1.68 1.21 26.60
N LYS A 222 -1.09 2.26 27.17
CA LYS A 222 -1.86 3.33 27.78
C LYS A 222 -2.05 4.48 26.79
N GLU A 223 -3.25 5.06 26.81
CA GLU A 223 -3.65 6.07 25.84
C GLU A 223 -3.57 7.45 26.47
N ILE A 224 -2.98 8.40 25.75
CA ILE A 224 -2.85 9.78 26.19
C ILE A 224 -3.36 10.68 25.08
N ILE A 225 -4.24 11.61 25.44
CA ILE A 225 -4.79 12.58 24.50
C ILE A 225 -4.16 13.93 24.80
N VAL A 226 -3.51 14.53 23.79
CA VAL A 226 -2.83 15.80 23.91
C VAL A 226 -3.51 16.81 23.00
N SER A 227 -3.97 17.92 23.58
CA SER A 227 -4.67 18.96 22.84
C SER A 227 -3.71 20.05 22.43
N TYR A 228 -3.96 20.63 21.25
CA TYR A 228 -3.13 21.71 20.73
C TYR A 228 -4.00 22.61 19.86
N ASN A 229 -3.54 23.86 19.70
CA ASN A 229 -4.24 24.85 18.91
C ASN A 229 -3.35 25.31 17.76
N SER A 230 -3.96 25.48 16.59
CA SER A 230 -3.24 25.90 15.39
C SER A 230 -3.55 27.32 14.95
N ASP A 231 -4.59 27.95 15.50
CA ASP A 231 -4.92 29.31 15.12
C ASP A 231 -3.83 30.29 15.53
N ARG A 232 -3.24 30.08 16.70
CA ARG A 232 -2.17 30.96 17.17
C ARG A 232 -0.88 30.66 16.42
N LYS A 233 -0.21 31.72 15.98
CA LYS A 233 1.06 31.59 15.27
C LYS A 233 1.81 32.91 15.39
N SER A 234 3.10 32.88 15.02
CA SER A 234 3.91 34.08 15.06
C SER A 234 3.34 35.16 14.16
N ASP A 235 3.36 36.40 14.64
CA ASP A 235 2.81 37.51 13.87
C ASP A 235 3.54 37.67 12.54
N THR A 236 4.87 37.52 12.56
CA THR A 236 5.64 37.54 11.33
C THR A 236 5.17 36.45 10.38
N SER A 237 4.93 35.25 10.91
CA SER A 237 4.45 34.15 10.08
C SER A 237 3.10 34.47 9.46
N GLU A 238 2.21 35.09 10.23
CA GLU A 238 0.91 35.50 9.68
C GLU A 238 1.09 36.54 8.59
N VAL A 239 2.06 37.45 8.76
CA VAL A 239 2.37 38.41 7.70
C VAL A 239 2.82 37.69 6.44
N ILE A 240 3.65 36.65 6.59
CA ILE A 240 4.08 35.87 5.43
C ILE A 240 2.89 35.20 4.76
N GLU A 241 1.98 34.63 5.55
CA GLU A 241 0.80 34.00 4.96
C GLU A 241 -0.03 35.01 4.19
N ASN A 242 -0.18 36.22 4.71
CA ASN A 242 -0.88 37.27 3.98
C ASN A 242 -0.16 37.59 2.68
N ILE A 243 1.17 37.64 2.71
CA ILE A 243 1.95 37.92 1.52
C ILE A 243 1.72 36.84 0.46
N ILE A 244 1.73 35.58 0.87
CA ILE A 244 1.51 34.50 -0.09
C ILE A 244 0.07 34.51 -0.58
N ASN A 245 -0.87 34.95 0.25
CA ASN A 245 -2.25 35.11 -0.23
C ASN A 245 -2.29 36.16 -1.35
N GLN A 246 -1.59 37.28 -1.16
CA GLN A 246 -1.51 38.28 -2.22
C GLN A 246 -0.84 37.72 -3.46
N ALA A 247 0.21 36.92 -3.28
CA ALA A 247 0.92 36.33 -4.41
C ALA A 247 0.04 35.37 -5.19
N LEU A 248 -0.74 34.53 -4.48
CA LEU A 248 -1.60 33.59 -5.15
C LEU A 248 -2.75 34.31 -5.85
N GLU A 249 -3.24 35.40 -5.26
CA GLU A 249 -4.23 36.22 -5.95
C GLU A 249 -3.65 36.80 -7.24
N GLN A 250 -2.41 37.28 -7.19
CA GLN A 250 -1.74 37.81 -8.38
C GLN A 250 -1.60 36.72 -9.44
N LEU A 251 -1.19 35.52 -9.03
CA LEU A 251 -1.04 34.41 -9.97
C LEU A 251 -2.39 34.00 -10.57
N SER A 252 -3.45 33.99 -9.78
CA SER A 252 -4.77 33.68 -10.31
C SER A 252 -5.21 34.74 -11.32
N ASN A 253 -4.95 36.02 -11.03
CA ASN A 253 -5.27 37.06 -11.98
C ASN A 253 -4.47 36.91 -13.27
N ILE A 254 -3.20 36.52 -13.14
CA ILE A 254 -2.38 36.27 -14.32
C ILE A 254 -2.96 35.13 -15.15
N GLU A 255 -3.35 34.04 -14.48
CA GLU A 255 -3.91 32.90 -15.20
C GLU A 255 -5.20 33.27 -15.92
N GLU A 256 -6.08 34.02 -15.25
CA GLU A 256 -7.35 34.40 -15.87
C GLU A 256 -7.14 35.36 -17.03
N THR A 257 -6.30 36.38 -16.84
CA THR A 257 -6.12 37.41 -17.86
C THR A 257 -5.29 36.91 -19.04
N SER A 258 -4.20 36.19 -18.76
CA SER A 258 -3.26 35.79 -19.80
C SER A 258 -3.55 34.38 -20.27
N ASN A 259 -3.60 34.20 -21.59
CA ASN A 259 -3.75 32.88 -22.16
C ASN A 259 -2.49 32.06 -21.95
N LEU A 260 -2.67 30.76 -21.77
CA LEU A 260 -1.57 29.84 -21.50
C LEU A 260 -1.60 28.70 -22.51
N ASN A 261 -0.45 28.41 -23.12
CA ASN A 261 -0.37 27.25 -23.99
C ASN A 261 -0.62 25.96 -23.23
N ASP A 262 -0.09 25.86 -22.01
CA ASP A 262 -0.35 24.75 -21.11
C ASP A 262 -0.88 25.34 -19.81
N THR A 263 -2.20 25.45 -19.69
CA THR A 263 -2.80 25.98 -18.46
C THR A 263 -2.49 25.08 -17.26
N ASN A 264 -2.26 23.78 -17.51
CA ASN A 264 -1.84 22.88 -16.45
C ASN A 264 -0.50 23.28 -15.86
N SER A 265 0.36 23.93 -16.64
CA SER A 265 1.66 24.38 -16.12
C SER A 265 1.48 25.45 -15.05
N LEU A 266 0.66 26.47 -15.34
CA LEU A 266 0.43 27.51 -14.36
C LEU A 266 -0.40 26.98 -13.19
N LYS A 267 -1.29 26.02 -13.46
CA LYS A 267 -1.98 25.34 -12.37
C LYS A 267 -0.98 24.63 -11.46
N GLN A 268 0.04 24.00 -12.05
CA GLN A 268 1.07 23.36 -11.25
C GLN A 268 1.86 24.38 -10.44
N ILE A 269 2.12 25.55 -11.03
CA ILE A 269 2.79 26.62 -10.30
C ILE A 269 1.99 27.00 -9.07
N LYS A 270 0.69 27.27 -9.27
CA LYS A 270 -0.17 27.66 -8.16
C LYS A 270 -0.28 26.56 -7.12
N LYS A 271 -0.35 25.29 -7.55
CA LYS A 271 -0.56 24.23 -6.59
C LYS A 271 0.71 23.93 -5.79
N VAL A 272 1.89 23.96 -6.41
CA VAL A 272 3.11 23.85 -5.62
C VAL A 272 3.25 25.04 -4.69
N LEU A 273 2.73 26.20 -5.11
CA LEU A 273 2.71 27.36 -4.23
C LEU A 273 1.86 27.09 -2.99
N ARG A 274 0.68 26.49 -3.17
CA ARG A 274 -0.14 26.41 -1.96
C ARG A 274 0.36 25.27 -1.10
N ASP A 275 1.04 24.30 -1.73
CA ASP A 275 1.78 23.31 -0.97
C ASP A 275 2.82 23.96 -0.08
N ILE A 276 3.58 24.91 -0.64
CA ILE A 276 4.60 25.60 0.15
C ILE A 276 3.95 26.39 1.29
N LYS A 277 2.82 27.04 1.00
CA LYS A 277 2.07 27.72 2.05
C LYS A 277 1.65 26.76 3.15
N ASN A 278 1.20 25.55 2.77
CA ASN A 278 0.81 24.55 3.74
C ASN A 278 1.98 24.11 4.60
N ILE A 279 3.16 23.91 3.98
CA ILE A 279 4.34 23.55 4.77
C ILE A 279 4.69 24.66 5.75
N LEU A 280 4.55 25.91 5.32
CA LEU A 280 4.77 27.02 6.26
C LEU A 280 3.80 26.93 7.44
N ASP A 281 2.53 26.66 7.14
CA ASP A 281 1.53 26.59 8.21
C ASP A 281 1.82 25.45 9.17
N GLU A 282 2.08 24.25 8.64
CA GLU A 282 2.22 23.07 9.49
C GLU A 282 3.58 23.04 10.19
N LEU A 283 4.63 23.49 9.52
CA LEU A 283 5.99 23.34 10.03
C LEU A 283 6.64 24.65 10.43
N GLY A 284 6.76 25.61 9.53
CA GLY A 284 7.36 26.88 9.85
C GLY A 284 8.12 27.52 8.71
N PRO A 285 8.63 28.74 8.93
CA PRO A 285 9.30 29.46 7.84
C PRO A 285 10.59 28.80 7.37
N TRP A 286 11.39 28.21 8.26
CA TRP A 286 12.65 27.62 7.83
C TRP A 286 12.41 26.42 6.93
N CYS A 287 11.46 25.56 7.29
CA CYS A 287 11.17 24.40 6.45
C CYS A 287 10.57 24.83 5.12
N ALA A 288 9.76 25.90 5.14
CA ALA A 288 9.25 26.47 3.90
C ALA A 288 10.39 26.95 3.02
N HIS A 289 11.40 27.60 3.61
CA HIS A 289 12.54 28.07 2.83
C HIS A 289 13.38 26.91 2.31
N ARG A 290 13.49 25.82 3.08
CA ARG A 290 14.19 24.64 2.59
C ARG A 290 13.47 24.03 1.39
N VAL A 291 12.14 23.92 1.47
CA VAL A 291 11.38 23.47 0.32
C VAL A 291 11.54 24.44 -0.84
N ILE A 292 11.67 25.74 -0.53
CA ILE A 292 11.82 26.75 -1.56
C ILE A 292 13.13 26.57 -2.30
N LYS A 293 14.21 26.32 -1.57
CA LYS A 293 15.51 26.13 -2.22
C LYS A 293 15.56 24.81 -2.98
N SER A 294 14.90 23.76 -2.48
CA SER A 294 14.79 22.55 -3.27
C SER A 294 14.03 22.82 -4.57
N ARG A 295 12.96 23.61 -4.49
CA ARG A 295 12.20 23.94 -5.70
C ARG A 295 13.01 24.82 -6.64
N ILE A 296 13.87 25.70 -6.11
CA ILE A 296 14.66 26.54 -7.00
C ILE A 296 15.76 25.72 -7.65
N ARG A 297 16.27 24.69 -6.97
CA ARG A 297 17.15 23.74 -7.64
C ARG A 297 16.43 23.01 -8.76
N GLN A 298 15.20 22.59 -8.50
CA GLN A 298 14.40 21.96 -9.57
C GLN A 298 14.13 22.93 -10.71
N LEU A 299 13.96 24.21 -10.38
CA LEU A 299 13.79 25.24 -11.42
C LEU A 299 15.05 25.40 -12.25
N GLU A 300 16.22 25.33 -11.60
CA GLU A 300 17.47 25.34 -12.33
C GLU A 300 17.57 24.14 -13.27
N LYS A 301 17.10 22.98 -12.80
CA LYS A 301 17.05 21.80 -13.68
C LYS A 301 16.11 22.03 -14.86
N ARG A 302 14.95 22.63 -14.61
CA ARG A 302 13.93 22.80 -15.64
C ARG A 302 14.27 23.88 -16.65
N GLU A 303 15.00 24.93 -16.23
CA GLU A 303 15.25 26.07 -17.10
C GLU A 303 16.12 25.72 -18.29
N SER A 304 16.76 24.55 -18.31
CA SER A 304 17.51 24.13 -19.48
C SER A 304 16.61 23.99 -20.70
N GLU A 305 15.37 23.52 -20.49
CA GLU A 305 14.40 23.33 -21.58
C GLU A 305 13.06 23.88 -21.12
N THR A 306 12.79 25.13 -21.46
CA THR A 306 11.51 25.76 -21.15
C THR A 306 11.25 26.87 -22.14
N ALA A 307 9.97 27.18 -22.34
CA ALA A 307 9.59 28.24 -23.26
C ALA A 307 9.57 29.59 -22.53
N GLU A 308 9.16 30.62 -23.26
CA GLU A 308 9.29 31.98 -22.74
C GLU A 308 8.28 32.28 -21.63
N GLU A 309 7.02 31.88 -21.81
CA GLU A 309 5.99 32.26 -20.86
C GLU A 309 6.18 31.56 -19.51
N LEU A 310 6.45 30.24 -19.55
CA LEU A 310 6.68 29.50 -18.32
C LEU A 310 7.94 29.99 -17.61
N ARG A 311 8.99 30.29 -18.37
CA ARG A 311 10.20 30.81 -17.73
C ARG A 311 9.97 32.20 -17.14
N THR A 312 9.11 33.01 -17.75
CA THR A 312 8.81 34.32 -17.19
C THR A 312 8.05 34.21 -15.88
N ILE A 313 7.00 33.37 -15.84
CA ILE A 313 6.25 33.23 -14.60
C ILE A 313 7.12 32.57 -13.54
N ARG A 314 8.01 31.66 -13.95
CA ARG A 314 8.97 31.08 -13.01
C ARG A 314 9.91 32.15 -12.47
N GLU A 315 10.31 33.11 -13.30
CA GLU A 315 11.17 34.20 -12.82
C GLU A 315 10.43 35.08 -11.83
N LEU A 316 9.16 35.38 -12.09
CA LEU A 316 8.38 36.14 -11.12
C LEU A 316 8.27 35.39 -9.80
N LEU A 317 7.97 34.10 -9.86
CA LEU A 317 7.88 33.30 -8.64
C LEU A 317 9.25 33.18 -7.96
N GLN A 318 10.33 33.23 -8.74
CA GLN A 318 11.68 33.30 -8.19
C GLN A 318 11.87 34.58 -7.41
N SER A 319 11.39 35.70 -7.94
CA SER A 319 11.41 36.95 -7.20
C SER A 319 10.59 36.85 -5.92
N ILE A 320 9.48 36.12 -5.96
CA ILE A 320 8.70 35.88 -4.74
C ILE A 320 9.52 35.14 -3.71
N PHE A 321 10.23 34.08 -4.12
CA PHE A 321 11.10 33.41 -3.14
C PHE A 321 12.20 34.34 -2.64
N GLU A 322 12.72 35.20 -3.51
CA GLU A 322 13.73 36.15 -3.07
C GLU A 322 13.18 37.05 -1.98
N GLN A 323 11.95 37.54 -2.15
CA GLN A 323 11.32 38.35 -1.12
C GLN A 323 11.12 37.55 0.17
N ILE A 324 10.71 36.29 0.03
CA ILE A 324 10.48 35.45 1.20
C ILE A 324 11.79 35.27 1.98
N ILE A 325 12.88 35.00 1.27
CA ILE A 325 14.18 34.82 1.91
C ILE A 325 14.65 36.13 2.52
N ASN A 326 14.38 37.25 1.86
CA ASN A 326 14.75 38.55 2.41
C ASN A 326 14.05 38.81 3.74
N VAL A 327 12.76 38.48 3.81
CA VAL A 327 12.04 38.63 5.07
C VAL A 327 12.56 37.63 6.10
N LEU A 328 12.90 36.42 5.65
CA LEU A 328 13.42 35.41 6.56
C LEU A 328 14.75 35.84 7.17
N LYS A 329 15.56 36.60 6.43
CA LYS A 329 16.82 37.09 6.97
C LYS A 329 16.61 37.93 8.22
N ASN A 330 15.50 38.67 8.28
CA ASN A 330 15.21 39.47 9.47
C ASN A 330 14.96 38.58 10.69
N LEU A 331 14.26 37.46 10.50
CA LEU A 331 13.91 36.57 11.60
C LEU A 331 14.79 35.32 11.62
N GLU A 332 16.07 35.45 11.27
CA GLU A 332 16.97 34.31 11.25
C GLU A 332 17.27 33.85 12.67
N LYS A 333 16.26 33.27 13.32
CA LYS A 333 16.41 32.84 14.71
C LYS A 333 17.37 31.66 14.84
N LEU A 334 17.53 30.88 13.77
CA LEU A 334 18.54 29.81 13.79
C LEU A 334 19.93 30.40 13.90
N GLN A 335 20.20 31.50 13.19
CA GLN A 335 21.45 32.22 13.37
C GLN A 335 21.54 32.84 14.75
N LYS A 336 20.39 33.08 15.38
CA LYS A 336 20.33 33.56 16.75
C LYS A 336 20.29 32.43 17.76
N ASN A 337 20.40 31.18 17.31
CA ASN A 337 20.45 29.99 18.16
C ASN A 337 19.16 29.83 18.98
N ASN A 338 18.03 30.23 18.42
CA ASN A 338 16.71 30.01 19.03
C ASN A 338 15.81 29.42 17.95
N SER A 339 15.88 28.10 17.79
CA SER A 339 15.10 27.42 16.77
C SER A 339 13.66 27.16 17.20
N VAL A 340 13.37 27.26 18.51
CA VAL A 340 12.04 26.92 19.01
C VAL A 340 11.01 27.95 18.55
N GLU A 341 11.40 29.23 18.48
CA GLU A 341 10.43 30.30 18.34
C GLU A 341 9.71 30.25 17.00
N PHE A 342 10.46 30.16 15.89
CA PHE A 342 9.83 30.34 14.58
C PHE A 342 9.01 29.13 14.15
N VAL A 343 9.28 27.94 14.67
CA VAL A 343 8.55 26.76 14.23
C VAL A 343 7.09 26.83 14.69
N SER A 344 6.26 26.01 14.07
CA SER A 344 4.85 25.97 14.40
C SER A 344 4.65 25.47 15.83
N PRO A 345 3.59 25.92 16.50
CA PRO A 345 3.36 25.46 17.89
C PRO A 345 3.18 23.96 18.01
N LYS A 346 2.64 23.30 16.99
CA LYS A 346 2.45 21.84 17.08
C LYS A 346 3.78 21.11 17.14
N VAL A 347 4.76 21.54 16.32
CA VAL A 347 6.09 20.97 16.41
C VAL A 347 6.73 21.28 17.76
N LYS A 348 6.44 22.46 18.31
CA LYS A 348 6.90 22.78 19.65
C LYS A 348 6.34 21.81 20.67
N LYS A 349 5.05 21.48 20.56
CA LYS A 349 4.43 20.54 21.48
C LYS A 349 5.03 19.15 21.32
N LEU A 350 5.30 18.73 20.09
CA LEU A 350 5.95 17.45 19.86
C LEU A 350 7.33 17.42 20.51
N LEU A 351 8.09 18.51 20.36
CA LEU A 351 9.40 18.59 20.99
C LEU A 351 9.29 18.53 22.50
N GLU A 352 8.29 19.20 23.06
CA GLU A 352 8.08 19.16 24.51
C GLU A 352 7.74 17.75 24.98
N ILE A 353 6.91 17.04 24.23
CA ILE A 353 6.57 15.66 24.58
C ILE A 353 7.80 14.77 24.54
N LEU A 354 8.63 14.93 23.49
CA LEU A 354 9.86 14.14 23.42
C LEU A 354 10.79 14.49 24.58
N LYS A 355 10.83 15.76 24.98
CA LYS A 355 11.65 16.15 26.13
C LYS A 355 11.16 15.49 27.41
N GLN A 356 9.83 15.45 27.60
CA GLN A 356 9.28 14.75 28.76
C GLN A 356 9.67 13.27 28.75
N TYR A 357 9.55 12.63 27.58
CA TYR A 357 9.91 11.21 27.48
C TYR A 357 11.38 11.00 27.80
N PHE A 358 12.26 11.86 27.29
CA PHE A 358 13.68 11.71 27.55
C PHE A 358 14.01 11.96 29.02
N SER A 359 13.36 12.94 29.64
CA SER A 359 13.60 13.19 31.05
C SER A 359 13.10 12.04 31.91
N ASN A 360 12.04 11.35 31.46
CA ASN A 360 11.59 10.17 32.18
C ASN A 360 12.56 9.00 32.02
N ASN A 361 13.08 8.81 30.81
CA ASN A 361 13.89 7.63 30.51
C ASN A 361 15.39 7.82 30.73
N ASN A 362 15.83 9.02 31.10
CA ASN A 362 17.26 9.20 31.37
C ASN A 362 17.72 8.35 32.55
N ASN A 363 16.89 8.28 33.60
CA ASN A 363 17.21 7.40 34.73
C ASN A 363 17.09 5.94 34.32
N SER A 364 16.14 5.63 33.45
CA SER A 364 15.95 4.25 33.01
C SER A 364 17.15 3.79 32.17
N SER A 365 17.63 2.57 32.45
CA SER A 365 18.72 2.01 31.67
C SER A 365 18.26 1.54 30.30
N LYS A 366 16.97 1.28 30.13
CA LYS A 366 16.44 0.85 28.84
C LYS A 366 16.63 1.96 27.81
N GLU A 367 17.07 1.58 26.61
CA GLU A 367 17.32 2.54 25.56
C GLU A 367 16.01 2.98 24.92
N LEU A 368 16.10 3.95 24.01
CA LEU A 368 14.92 4.57 23.43
C LEU A 368 14.52 3.87 22.13
N CYS A 369 13.22 3.71 21.93
CA CYS A 369 12.67 3.17 20.69
C CYS A 369 11.32 3.82 20.44
N GLY A 370 11.19 4.55 19.34
CA GLY A 370 9.96 5.25 19.04
C GLY A 370 9.65 5.25 17.55
N ILE A 371 8.36 5.31 17.26
CA ILE A 371 7.85 5.32 15.89
C ILE A 371 7.00 6.57 15.70
N ILE A 372 7.10 7.19 14.53
CA ILE A 372 6.29 8.35 14.18
C ILE A 372 5.59 8.06 12.85
N PHE A 373 4.29 8.36 12.79
CA PHE A 373 3.46 8.11 11.62
C PHE A 373 3.02 9.43 11.00
N VAL A 374 3.29 9.61 9.71
CA VAL A 374 2.87 10.78 8.96
C VAL A 374 2.22 10.30 7.66
N GLU A 375 1.31 11.11 7.13
CA GLU A 375 0.53 10.71 5.97
C GLU A 375 1.33 10.83 4.67
N ARG A 376 2.03 11.95 4.49
CA ARG A 376 2.63 12.29 3.20
C ARG A 376 4.12 11.98 3.20
N ARG A 377 4.61 11.46 2.07
CA ARG A 377 6.02 11.11 1.95
C ARG A 377 6.91 12.33 2.08
N TYR A 378 6.57 13.42 1.38
CA TYR A 378 7.39 14.62 1.42
C TYR A 378 7.41 15.22 2.81
N THR A 379 6.26 15.18 3.51
CA THR A 379 6.22 15.66 4.88
C THR A 379 7.17 14.86 5.77
N ALA A 380 7.18 13.54 5.61
CA ALA A 380 8.10 12.72 6.38
C ALA A 380 9.55 13.05 6.04
N TYR A 381 9.83 13.32 4.76
CA TYR A 381 11.20 13.65 4.36
C TYR A 381 11.67 14.96 5.00
N VAL A 382 10.82 16.00 4.94
CA VAL A 382 11.24 17.28 5.50
C VAL A 382 11.32 17.19 7.02
N LEU A 383 10.44 16.40 7.64
CA LEU A 383 10.54 16.19 9.08
C LEU A 383 11.85 15.48 9.45
N TYR A 384 12.24 14.47 8.68
CA TYR A 384 13.50 13.81 8.93
C TYR A 384 14.66 14.79 8.82
N LYS A 385 14.63 15.64 7.80
CA LYS A 385 15.66 16.66 7.67
C LYS A 385 15.66 17.60 8.88
N LEU A 386 14.47 17.97 9.36
CA LEU A 386 14.38 18.91 10.48
C LEU A 386 14.97 18.33 11.75
N LEU A 387 14.56 17.10 12.12
CA LEU A 387 15.15 16.49 13.32
C LEU A 387 16.63 16.19 13.14
N ASN A 388 17.08 15.87 11.93
CA ASN A 388 18.51 15.72 11.71
C ASN A 388 19.24 17.03 11.99
N GLU A 389 18.68 18.15 11.53
CA GLU A 389 19.29 19.45 11.80
C GLU A 389 19.27 19.78 13.28
N LEU A 390 18.15 19.48 13.96
CA LEU A 390 18.06 19.75 15.39
C LEU A 390 19.10 18.94 16.16
N SER A 391 19.31 17.68 15.78
CA SER A 391 20.37 16.90 16.38
C SER A 391 21.74 17.50 16.07
N ALA A 392 21.91 18.03 14.86
CA ALA A 392 23.17 18.69 14.51
C ALA A 392 23.37 19.99 15.27
N LYS A 393 22.31 20.56 15.86
CA LYS A 393 22.45 21.81 16.60
C LYS A 393 23.19 21.66 17.92
N ARG A 394 23.52 20.42 18.33
CA ARG A 394 24.36 20.09 19.47
C ARG A 394 23.63 20.29 20.81
N ASP A 395 22.43 20.85 20.80
CA ASP A 395 21.70 21.10 22.05
C ASP A 395 21.44 19.80 22.79
N ASP A 396 21.29 19.91 24.11
CA ASP A 396 21.23 18.73 24.98
C ASP A 396 20.02 17.86 24.65
N ASP A 397 18.86 18.47 24.44
CA ASP A 397 17.63 17.71 24.26
C ASP A 397 17.51 17.08 22.88
N PHE A 398 18.40 17.41 21.95
CA PHE A 398 18.33 16.89 20.58
C PHE A 398 19.55 16.08 20.17
N SER A 399 20.60 16.06 20.98
CA SER A 399 21.84 15.40 20.58
C SER A 399 21.66 13.90 20.44
N PHE A 400 20.85 13.29 21.30
CA PHE A 400 20.68 11.85 21.33
C PHE A 400 19.75 11.32 20.26
N ILE A 401 19.11 12.20 19.49
CA ILE A 401 18.05 11.78 18.57
C ILE A 401 18.68 11.23 17.29
N LYS A 402 18.30 10.01 16.93
CA LYS A 402 18.61 9.43 15.62
C LYS A 402 17.31 9.30 14.84
N CYS A 403 17.32 9.74 13.59
CA CYS A 403 16.11 9.79 12.79
C CYS A 403 16.33 9.11 11.44
N ASP A 404 15.31 8.39 10.98
CA ASP A 404 15.31 7.76 9.66
C ASP A 404 13.89 7.71 9.15
N PHE A 405 13.76 7.52 7.83
CA PHE A 405 12.47 7.51 7.18
C PHE A 405 12.40 6.37 6.18
N VAL A 406 11.19 5.80 6.04
CA VAL A 406 10.92 4.76 5.07
C VAL A 406 9.59 5.04 4.41
N VAL A 407 9.57 4.99 3.07
CA VAL A 407 8.38 5.28 2.28
C VAL A 407 8.31 4.30 1.12
N GLY A 408 7.16 4.28 0.44
CA GLY A 408 7.00 3.42 -0.71
C GLY A 408 7.89 3.84 -1.87
N HIS A 409 8.32 2.85 -2.64
CA HIS A 409 9.24 3.05 -3.74
C HIS A 409 8.51 2.94 -5.06
N ASN A 410 8.81 3.86 -5.98
CA ASN A 410 8.29 3.83 -7.34
C ASN A 410 9.48 3.96 -8.29
N SER A 411 10.12 2.83 -8.60
CA SER A 411 11.30 2.82 -9.45
C SER A 411 10.93 3.21 -10.87
N SER A 412 11.74 4.08 -11.47
CA SER A 412 11.49 4.56 -12.82
C SER A 412 12.52 3.97 -13.77
N PRO A 413 12.12 3.23 -14.81
CA PRO A 413 13.11 2.72 -15.77
C PRO A 413 13.76 3.86 -16.54
N SER A 414 12.94 4.75 -17.09
CA SER A 414 13.43 6.01 -17.61
C SER A 414 13.84 6.92 -16.45
N SER A 415 14.54 8.01 -16.77
CA SER A 415 15.09 8.86 -15.71
C SER A 415 13.97 9.46 -14.86
N LYS A 416 13.21 10.41 -15.43
CA LYS A 416 12.00 10.97 -14.85
C LYS A 416 12.08 11.06 -13.33
N GLU A 417 13.09 11.77 -12.84
CA GLU A 417 13.51 11.64 -11.44
C GLU A 417 12.43 12.10 -10.48
N LYS A 418 12.33 11.38 -9.36
CA LYS A 418 11.51 11.78 -8.21
C LYS A 418 12.45 12.28 -7.12
N SER A 419 12.04 13.34 -6.43
CA SER A 419 12.91 13.94 -5.42
C SER A 419 13.20 12.98 -4.28
N THR A 420 12.20 12.23 -3.85
CA THR A 420 12.40 11.28 -2.75
C THR A 420 13.33 10.15 -3.18
N GLU A 421 14.17 9.71 -2.25
CA GLU A 421 15.15 8.66 -2.50
C GLU A 421 14.72 7.38 -1.79
N MET A 422 14.69 6.27 -2.54
CA MET A 422 14.32 4.99 -1.95
C MET A 422 14.78 3.86 -2.88
N ASN A 423 15.16 2.75 -2.27
CA ASN A 423 15.51 1.55 -3.01
C ASN A 423 15.22 0.34 -2.13
N SER A 424 14.84 -0.77 -2.77
CA SER A 424 14.49 -1.98 -2.03
C SER A 424 15.67 -2.48 -1.22
N LYS A 425 16.86 -2.53 -1.82
CA LYS A 425 18.06 -2.87 -1.07
C LYS A 425 18.29 -1.87 0.06
N LYS A 426 18.16 -0.57 -0.25
CA LYS A 426 18.28 0.45 0.79
C LYS A 426 17.15 0.33 1.81
N GLN A 427 15.96 -0.06 1.36
CA GLN A 427 14.85 -0.26 2.30
C GLN A 427 15.18 -1.35 3.31
N LYS A 428 15.69 -2.49 2.84
CA LYS A 428 16.02 -3.57 3.76
C LYS A 428 17.23 -3.21 4.62
N GLU A 429 18.17 -2.41 4.09
CA GLU A 429 19.29 -1.96 4.89
C GLU A 429 18.82 -1.06 6.03
N VAL A 430 17.89 -0.15 5.74
CA VAL A 430 17.34 0.71 6.78
C VAL A 430 16.57 -0.11 7.81
N LEU A 431 15.81 -1.11 7.34
CA LEU A 431 15.04 -1.94 8.25
C LEU A 431 15.95 -2.72 9.19
N LYS A 432 17.01 -3.33 8.65
CA LYS A 432 17.93 -4.06 9.52
C LYS A 432 18.70 -3.12 10.44
N LYS A 433 19.03 -1.92 9.98
CA LYS A 433 19.65 -0.92 10.85
C LYS A 433 18.74 -0.60 12.03
N PHE A 434 17.44 -0.42 11.77
CA PHE A 434 16.50 -0.19 12.85
C PHE A 434 16.42 -1.40 13.78
N ARG A 435 16.43 -2.61 13.22
CA ARG A 435 16.33 -3.81 14.04
C ARG A 435 17.52 -3.94 14.98
N LYS A 436 18.73 -3.64 14.49
CA LYS A 436 19.90 -3.71 15.38
C LYS A 436 19.79 -2.73 16.53
N GLY A 437 19.05 -1.65 16.36
CA GLY A 437 18.89 -0.65 17.40
C GLY A 437 19.77 0.58 17.27
N GLU A 438 20.51 0.71 16.18
CA GLU A 438 21.33 1.90 15.99
C GLU A 438 20.50 3.16 15.80
N CYS A 439 19.23 3.02 15.41
CA CYS A 439 18.31 4.13 15.27
C CYS A 439 17.16 3.94 16.24
N ASN A 440 16.81 5.01 16.96
CA ASN A 440 15.77 4.94 17.98
C ASN A 440 14.44 5.50 17.52
N LEU A 441 14.44 6.59 16.75
CA LEU A 441 13.23 7.23 16.29
C LEU A 441 13.06 6.97 14.80
N LEU A 442 11.85 6.59 14.39
CA LEU A 442 11.56 6.30 12.99
C LEU A 442 10.31 7.07 12.57
N VAL A 443 10.39 7.72 11.41
CA VAL A 443 9.26 8.38 10.79
C VAL A 443 8.87 7.58 9.57
N ALA A 444 7.62 7.12 9.52
CA ALA A 444 7.20 6.20 8.47
C ALA A 444 5.74 6.46 8.11
N THR A 445 5.40 6.07 6.88
CA THR A 445 4.04 6.12 6.39
C THR A 445 3.37 4.76 6.64
N SER A 446 2.22 4.53 6.01
CA SER A 446 1.42 3.33 6.24
C SER A 446 2.05 2.06 5.69
N VAL A 447 3.26 2.12 5.12
CA VAL A 447 3.87 0.91 4.57
C VAL A 447 4.20 -0.08 5.69
N VAL A 448 4.73 0.40 6.81
CA VAL A 448 5.20 -0.45 7.89
C VAL A 448 4.09 -0.55 8.93
N GLU A 449 3.06 0.27 8.78
CA GLU A 449 1.96 0.28 9.74
C GLU A 449 1.25 -1.06 9.86
N GLU A 450 1.22 -1.86 8.78
CA GLU A 450 0.39 -3.06 8.72
C GLU A 450 1.23 -4.31 8.92
N GLY A 451 1.04 -4.97 10.05
CA GLY A 451 1.40 -6.37 10.22
C GLY A 451 2.86 -6.72 10.39
N ILE A 452 3.77 -5.89 9.88
CA ILE A 452 5.19 -6.22 9.93
C ILE A 452 5.69 -6.08 11.36
N ASP A 453 6.35 -7.11 11.86
CA ASP A 453 6.89 -7.09 13.22
C ASP A 453 7.97 -6.02 13.34
N ILE A 454 8.02 -5.40 14.52
CA ILE A 454 8.99 -4.34 14.79
C ILE A 454 9.75 -4.73 16.05
N PRO A 455 11.01 -4.35 16.19
CA PRO A 455 11.72 -4.61 17.44
C PRO A 455 11.04 -3.94 18.63
N LYS A 456 11.53 -4.28 19.83
CA LYS A 456 10.94 -3.79 21.07
C LYS A 456 10.89 -2.26 21.08
N CYS A 457 9.67 -1.73 21.09
CA CYS A 457 9.43 -0.29 21.04
C CYS A 457 8.66 0.13 22.28
N ASN A 458 9.03 1.29 22.82
CA ASN A 458 8.39 1.79 24.04
C ASN A 458 7.38 2.88 23.78
N LEU A 459 7.53 3.64 22.69
CA LEU A 459 6.69 4.79 22.41
C LEU A 459 6.18 4.75 20.98
N VAL A 460 4.89 5.02 20.81
CA VAL A 460 4.27 5.21 19.51
C VAL A 460 3.46 6.51 19.57
N VAL A 461 3.73 7.43 18.64
CA VAL A 461 3.10 8.74 18.62
C VAL A 461 2.45 8.95 17.26
N ARG A 462 1.19 9.40 17.27
CA ARG A 462 0.43 9.63 16.06
C ARG A 462 0.44 11.12 15.74
N PHE A 463 1.19 11.50 14.71
CA PHE A 463 1.16 12.89 14.24
C PHE A 463 -0.22 13.24 13.72
N ASP A 464 -0.83 12.35 12.95
CA ASP A 464 -2.15 12.57 12.38
C ASP A 464 -3.17 11.62 12.98
N LEU A 465 -4.42 12.03 12.91
CA LEU A 465 -5.50 11.23 13.48
C LEU A 465 -5.71 9.95 12.69
N PRO A 466 -6.15 8.88 13.34
CA PRO A 466 -6.46 7.64 12.61
C PRO A 466 -7.63 7.83 11.67
N LYS A 467 -7.67 7.01 10.62
CA LYS A 467 -8.68 7.15 9.58
C LYS A 467 -9.80 6.12 9.65
N ASN A 468 -9.55 4.93 10.18
CA ASN A 468 -10.59 3.93 10.33
C ASN A 468 -10.28 3.07 11.54
N PHE A 469 -11.16 2.10 11.81
CA PHE A 469 -11.04 1.25 12.99
C PHE A 469 -9.76 0.40 12.93
N ARG A 470 -9.52 -0.23 11.78
CA ARG A 470 -8.40 -1.15 11.68
C ARG A 470 -7.06 -0.44 11.84
N SER A 471 -6.95 0.78 11.29
CA SER A 471 -5.70 1.53 11.45
C SER A 471 -5.44 1.85 12.91
N TYR A 472 -6.48 2.26 13.63
CA TYR A 472 -6.34 2.52 15.07
C TYR A 472 -5.92 1.26 15.81
N VAL A 473 -6.53 0.12 15.48
CA VAL A 473 -6.21 -1.13 16.16
C VAL A 473 -4.76 -1.52 15.93
N GLN A 474 -4.31 -1.49 14.67
CA GLN A 474 -2.95 -1.91 14.38
C GLN A 474 -1.92 -0.93 14.93
N SER A 475 -2.23 0.38 14.92
CA SER A 475 -1.32 1.35 15.51
C SER A 475 -1.22 1.16 17.02
N LYS A 476 -2.33 0.83 17.68
CA LYS A 476 -2.27 0.49 19.10
C LYS A 476 -1.43 -0.75 19.33
N GLY A 477 -1.58 -1.75 18.47
CA GLY A 477 -0.83 -2.99 18.61
C GLY A 477 0.61 -2.94 18.15
N ARG A 478 1.03 -1.83 17.53
CA ARG A 478 2.41 -1.73 17.05
C ARG A 478 3.40 -1.83 18.21
N ALA A 479 3.04 -1.31 19.38
CA ALA A 479 3.88 -1.41 20.56
C ALA A 479 3.81 -2.82 21.12
N ARG A 480 4.98 -3.41 21.39
CA ARG A 480 5.05 -4.78 21.90
C ARG A 480 5.74 -4.91 23.24
N ALA A 481 6.66 -4.01 23.58
CA ALA A 481 7.36 -4.11 24.85
C ALA A 481 6.45 -3.69 26.01
N LYS A 482 6.84 -4.07 27.22
CA LYS A 482 6.07 -3.73 28.40
C LYS A 482 6.22 -2.23 28.72
N ASN A 483 5.17 -1.67 29.31
CA ASN A 483 5.11 -0.24 29.65
C ASN A 483 5.23 0.62 28.40
N SER A 484 4.34 0.37 27.45
CA SER A 484 4.30 1.11 26.20
C SER A 484 3.45 2.37 26.35
N LYS A 485 3.65 3.31 25.43
CA LYS A 485 2.97 4.60 25.46
C LYS A 485 2.31 4.87 24.13
N TYR A 486 1.07 5.38 24.16
CA TYR A 486 0.31 5.71 22.98
C TYR A 486 -0.16 7.16 23.10
N ILE A 487 0.20 7.98 22.12
CA ILE A 487 -0.05 9.41 22.16
C ILE A 487 -0.67 9.85 20.84
N ILE A 488 -1.77 10.61 20.92
CA ILE A 488 -2.44 11.18 19.75
C ILE A 488 -2.65 12.67 19.99
N MET A 489 -2.31 13.48 18.99
CA MET A 489 -2.49 14.93 19.05
C MET A 489 -3.85 15.29 18.46
N VAL A 490 -4.57 16.16 19.16
CA VAL A 490 -5.93 16.53 18.76
C VAL A 490 -6.05 18.05 18.76
N GLU A 491 -6.67 18.59 17.72
CA GLU A 491 -6.96 20.02 17.65
C GLU A 491 -8.10 20.36 18.61
N GLU A 492 -8.16 21.65 18.99
CA GLU A 492 -9.07 22.07 20.05
C GLU A 492 -10.53 21.80 19.69
N ASP A 493 -10.92 22.09 18.45
CA ASP A 493 -12.30 21.93 18.02
C ASP A 493 -12.63 20.51 17.55
N GLU A 494 -11.65 19.61 17.58
CA GLU A 494 -11.82 18.25 17.06
C GLU A 494 -12.02 17.22 18.17
N LYS A 495 -11.90 17.63 19.44
CA LYS A 495 -11.85 16.67 20.54
C LYS A 495 -13.19 15.96 20.73
N ASN A 496 -14.31 16.65 20.53
CA ASN A 496 -15.61 16.01 20.71
C ASN A 496 -15.81 14.88 19.71
N LYS A 497 -15.53 15.15 18.44
CA LYS A 497 -15.66 14.11 17.42
C LYS A 497 -14.66 13.00 17.64
N PHE A 498 -13.43 13.35 18.06
CA PHE A 498 -12.44 12.33 18.36
C PHE A 498 -12.91 11.41 19.47
N GLN A 499 -13.48 11.99 20.53
CA GLN A 499 -13.97 11.18 21.64
C GLN A 499 -15.12 10.29 21.23
N GLU A 500 -16.07 10.82 20.46
CA GLU A 500 -17.20 9.99 20.03
C GLU A 500 -16.73 8.86 19.12
N ASP A 501 -15.78 9.13 18.24
CA ASP A 501 -15.24 8.08 17.38
C ASP A 501 -14.48 7.05 18.20
N LEU A 502 -13.78 7.49 19.25
CA LEU A 502 -13.08 6.54 20.12
C LEU A 502 -14.07 5.63 20.85
N ASN A 503 -15.18 6.20 21.31
CA ASN A 503 -16.22 5.37 21.94
C ASN A 503 -16.79 4.37 20.94
N GLN A 504 -17.03 4.83 19.71
CA GLN A 504 -17.53 3.91 18.68
C GLN A 504 -16.54 2.78 18.43
N TYR A 505 -15.24 3.10 18.36
CA TYR A 505 -14.22 2.09 18.12
C TYR A 505 -14.15 1.09 19.27
N GLN A 506 -14.23 1.60 20.51
CA GLN A 506 -14.16 0.70 21.66
C GLN A 506 -15.37 -0.23 21.71
N GLU A 507 -16.57 0.30 21.44
CA GLU A 507 -17.74 -0.56 21.43
C GLU A 507 -17.69 -1.56 20.27
N ILE A 508 -17.10 -1.16 19.14
CA ILE A 508 -16.94 -2.07 18.00
C ILE A 508 -16.00 -3.21 18.39
N GLU A 509 -14.89 -2.88 19.06
CA GLU A 509 -13.98 -3.93 19.51
C GLU A 509 -14.66 -4.86 20.51
N LYS A 510 -15.46 -4.30 21.41
CA LYS A 510 -16.17 -5.12 22.39
C LYS A 510 -17.13 -6.09 21.70
N ILE A 511 -17.94 -5.59 20.77
CA ILE A 511 -18.91 -6.47 20.11
C ILE A 511 -18.20 -7.46 19.20
N LEU A 512 -17.05 -7.09 18.65
CA LEU A 512 -16.25 -8.02 17.86
C LEU A 512 -15.73 -9.16 18.73
N LEU A 513 -15.24 -8.84 19.92
CA LEU A 513 -14.77 -9.87 20.83
C LEU A 513 -15.91 -10.79 21.24
N ARG A 514 -17.08 -10.22 21.52
CA ARG A 514 -18.19 -11.05 22.00
C ARG A 514 -18.81 -11.89 20.89
N LEU A 515 -18.89 -11.36 19.67
CA LEU A 515 -19.61 -12.04 18.61
C LEU A 515 -18.80 -13.20 18.01
N CYS A 516 -17.47 -13.14 18.10
CA CYS A 516 -16.63 -14.11 17.41
C CYS A 516 -16.80 -15.53 17.93
N HIS A 517 -17.34 -15.70 19.13
CA HIS A 517 -17.46 -17.03 19.72
C HIS A 517 -18.75 -17.72 19.27
N ASN A 518 -18.65 -19.03 19.03
CA ASN A 518 -19.79 -19.89 18.74
C ASN A 518 -20.58 -19.41 17.53
N ARG A 519 -19.93 -19.47 16.37
CA ARG A 519 -20.55 -19.11 15.10
C ARG A 519 -20.61 -20.34 14.19
N ASP A 520 -21.71 -20.46 13.46
CA ASP A 520 -21.93 -21.62 12.62
C ASP A 520 -21.04 -21.58 11.38
N ALA A 521 -20.83 -22.75 10.77
CA ALA A 521 -20.01 -22.86 9.59
C ALA A 521 -20.64 -22.09 8.42
N PRO A 522 -19.82 -21.62 7.47
CA PRO A 522 -20.37 -20.84 6.35
C PRO A 522 -21.22 -21.67 5.41
N SER A 523 -22.10 -20.97 4.69
CA SER A 523 -22.96 -21.62 3.70
C SER A 523 -22.43 -21.38 2.30
N GLU A 524 -22.26 -22.47 1.54
CA GLU A 524 -21.74 -22.37 0.17
C GLU A 524 -22.73 -21.67 -0.76
N GLU A 525 -24.01 -21.64 -0.40
CA GLU A 525 -24.97 -20.87 -1.18
C GLU A 525 -24.60 -19.39 -1.19
N ASP A 526 -24.10 -18.87 -0.07
CA ASP A 526 -23.56 -17.52 -0.07
C ASP A 526 -22.30 -17.43 -0.92
N PHE A 527 -21.52 -18.51 -0.97
CA PHE A 527 -20.29 -18.49 -1.76
C PHE A 527 -20.58 -18.36 -3.25
N ASP A 528 -21.57 -19.10 -3.76
CA ASP A 528 -21.92 -18.96 -5.17
C ASP A 528 -23.00 -17.91 -5.41
N SER A 529 -23.47 -17.24 -4.35
CA SER A 529 -24.51 -16.22 -4.52
C SER A 529 -23.99 -15.02 -5.31
N PHE A 530 -22.85 -14.46 -4.91
CA PHE A 530 -22.36 -13.24 -5.53
C PHE A 530 -21.88 -13.49 -6.96
N GLU A 531 -22.14 -12.54 -7.84
CA GLU A 531 -21.72 -12.63 -9.24
C GLU A 531 -21.67 -11.22 -9.80
N ASP A 532 -20.47 -10.77 -10.15
CA ASP A 532 -20.28 -9.43 -10.71
C ASP A 532 -19.86 -9.45 -12.17
N GLU A 533 -19.38 -10.58 -12.69
CA GLU A 533 -18.92 -10.67 -14.08
C GLU A 533 -20.14 -10.68 -14.98
N LEU A 534 -20.42 -9.55 -15.63
CA LEU A 534 -21.60 -9.45 -16.48
C LEU A 534 -21.38 -10.16 -17.82
N LEU A 535 -20.13 -10.37 -18.21
CA LEU A 535 -19.83 -11.10 -19.44
C LEU A 535 -18.84 -12.23 -19.16
N PRO A 536 -18.97 -13.36 -19.85
CA PRO A 536 -17.99 -14.43 -19.67
C PRO A 536 -16.65 -14.05 -20.28
N PRO A 537 -15.55 -14.60 -19.79
CA PRO A 537 -14.24 -14.29 -20.36
C PRO A 537 -14.06 -14.91 -21.74
N TYR A 538 -12.90 -14.69 -22.35
CA TYR A 538 -12.60 -15.21 -23.67
C TYR A 538 -11.81 -16.51 -23.53
N MET A 539 -12.44 -17.62 -23.90
CA MET A 539 -11.86 -18.96 -23.75
C MET A 539 -11.68 -19.57 -25.13
N PRO A 540 -10.51 -19.41 -25.76
CA PRO A 540 -10.30 -20.02 -27.07
C PRO A 540 -10.09 -21.52 -27.01
N TYR A 541 -9.31 -22.01 -26.04
CA TYR A 541 -8.95 -23.42 -25.96
C TYR A 541 -9.73 -24.16 -24.89
N GLY A 542 -10.75 -23.55 -24.29
CA GLY A 542 -11.55 -24.19 -23.28
C GLY A 542 -11.12 -23.84 -21.88
N THR A 543 -11.40 -24.75 -20.96
CA THR A 543 -11.10 -24.52 -19.54
C THR A 543 -9.60 -24.57 -19.28
N ASP A 544 -8.88 -25.45 -19.99
CA ASP A 544 -7.45 -25.60 -19.74
C ASP A 544 -6.69 -24.36 -20.20
N GLY A 545 -7.00 -23.87 -21.39
CA GLY A 545 -6.23 -22.80 -22.00
C GLY A 545 -6.36 -21.48 -21.27
N PRO A 546 -5.43 -20.57 -21.55
CA PRO A 546 -5.45 -19.26 -20.87
C PRO A 546 -6.69 -18.46 -21.23
N ARG A 547 -7.11 -17.63 -20.28
CA ARG A 547 -8.29 -16.77 -20.43
C ARG A 547 -7.88 -15.32 -20.24
N VAL A 548 -8.73 -14.42 -20.74
CA VAL A 548 -8.59 -13.00 -20.49
C VAL A 548 -9.91 -12.47 -19.95
N THR A 549 -9.82 -11.70 -18.87
CA THR A 549 -10.99 -11.16 -18.17
C THR A 549 -10.98 -9.65 -18.35
N MET A 550 -12.17 -9.05 -18.25
CA MET A 550 -12.31 -7.61 -18.49
C MET A 550 -11.40 -6.79 -17.58
N SER A 551 -11.03 -7.34 -16.43
CA SER A 551 -10.17 -6.61 -15.50
C SER A 551 -8.79 -6.34 -16.11
N SER A 552 -8.21 -7.33 -16.78
CA SER A 552 -6.83 -7.24 -17.25
C SER A 552 -6.72 -6.82 -18.71
N ALA A 553 -7.83 -6.62 -19.42
CA ALA A 553 -7.75 -6.31 -20.83
C ALA A 553 -7.14 -4.94 -21.09
N ILE A 554 -7.48 -3.95 -20.27
CA ILE A 554 -6.93 -2.61 -20.43
C ILE A 554 -5.42 -2.63 -20.22
N SER A 555 -4.97 -3.34 -19.19
CA SER A 555 -3.53 -3.49 -18.95
C SER A 555 -2.86 -4.21 -20.11
N LEU A 556 -3.53 -5.21 -20.68
CA LEU A 556 -2.97 -5.92 -21.83
C LEU A 556 -2.78 -4.98 -23.02
N LEU A 557 -3.80 -4.18 -23.33
CA LEU A 557 -3.68 -3.25 -24.45
C LEU A 557 -2.57 -2.25 -24.21
N HIS A 558 -2.51 -1.69 -22.99
CA HIS A 558 -1.50 -0.69 -22.69
C HIS A 558 -0.09 -1.28 -22.77
N ARG A 559 0.07 -2.52 -22.28
CA ARG A 559 1.36 -3.18 -22.36
C ARG A 559 1.78 -3.42 -23.81
N TYR A 560 0.85 -3.89 -24.63
CA TYR A 560 1.18 -4.13 -26.04
C TYR A 560 1.52 -2.82 -26.75
N CYS A 561 0.79 -1.75 -26.45
CA CYS A 561 1.11 -0.46 -27.03
C CYS A 561 2.48 0.02 -26.60
N SER A 562 2.83 -0.22 -25.33
CA SER A 562 4.17 0.13 -24.86
C SER A 562 5.24 -0.66 -25.61
N LYS A 563 4.97 -1.94 -25.89
CA LYS A 563 5.94 -2.75 -26.61
C LYS A 563 6.06 -2.37 -28.09
N LEU A 564 5.19 -1.51 -28.59
CA LEU A 564 5.27 -1.12 -29.99
C LEU A 564 6.57 -0.36 -30.25
N PRO A 565 7.24 -0.62 -31.38
CA PRO A 565 8.47 0.13 -31.70
C PRO A 565 8.14 1.57 -32.06
N SER A 566 8.66 2.50 -31.27
CA SER A 566 8.39 3.92 -31.48
C SER A 566 9.51 4.72 -30.81
N ASP A 567 9.35 6.04 -30.81
CA ASP A 567 10.32 6.93 -30.21
C ASP A 567 10.34 6.78 -28.70
N ARG A 568 11.51 6.98 -28.10
CA ARG A 568 11.65 6.89 -26.66
C ARG A 568 10.90 8.02 -25.97
N PHE A 569 10.91 9.22 -26.55
CA PHE A 569 10.31 10.39 -25.91
C PHE A 569 8.79 10.25 -25.82
N THR A 570 8.14 9.90 -26.92
CA THR A 570 6.69 9.81 -26.96
C THR A 570 6.23 8.40 -26.62
N THR A 571 5.03 8.31 -26.07
CA THR A 571 4.40 7.03 -25.73
C THR A 571 3.11 6.88 -26.52
N LEU A 572 2.94 5.75 -27.18
CA LEU A 572 1.74 5.48 -27.95
C LEU A 572 0.61 5.08 -27.01
N THR A 573 -0.41 5.93 -26.92
CA THR A 573 -1.54 5.68 -26.05
C THR A 573 -2.83 5.66 -26.87
N PRO A 574 -3.69 4.67 -26.66
CA PRO A 574 -4.97 4.64 -27.37
C PRO A 574 -5.83 5.85 -27.01
N LYS A 575 -6.54 6.36 -28.00
CA LYS A 575 -7.46 7.47 -27.82
C LYS A 575 -8.86 6.93 -27.56
N PHE A 576 -9.48 7.39 -26.49
CA PHE A 576 -10.74 6.83 -26.01
C PHE A 576 -11.88 7.81 -26.27
N THR A 577 -12.87 7.37 -27.02
CA THR A 577 -14.04 8.17 -27.34
C THR A 577 -15.27 7.52 -26.70
N TYR A 578 -16.07 8.33 -26.03
CA TYR A 578 -17.21 7.84 -25.26
C TYR A 578 -18.51 8.30 -25.91
N ILE A 579 -19.47 7.39 -26.03
CA ILE A 579 -20.76 7.67 -26.63
C ILE A 579 -21.83 7.40 -25.59
N GLU A 580 -22.71 8.37 -25.38
CA GLU A 580 -23.81 8.27 -24.42
C GLU A 580 -25.12 8.11 -25.19
N GLN A 581 -25.96 7.19 -24.73
CA GLN A 581 -27.24 6.95 -25.36
C GLN A 581 -28.25 6.50 -24.31
N ASN A 582 -29.52 6.72 -24.59
CA ASN A 582 -30.61 6.30 -23.73
C ASN A 582 -31.54 5.39 -24.52
N ASN A 583 -31.84 4.21 -23.97
CA ASN A 583 -32.70 3.25 -24.63
C ASN A 583 -34.17 3.70 -24.51
N GLU A 584 -35.07 2.85 -25.00
CA GLU A 584 -36.49 3.10 -24.82
C GLU A 584 -36.89 3.08 -23.34
N GLU A 585 -36.12 2.38 -22.50
CA GLU A 585 -36.31 2.44 -21.06
C GLU A 585 -35.80 3.74 -20.47
N GLU A 586 -35.09 4.55 -21.26
CA GLU A 586 -34.54 5.85 -20.88
C GLU A 586 -33.49 5.75 -19.78
N ASN A 587 -32.95 4.55 -19.53
CA ASN A 587 -31.86 4.41 -18.59
C ASN A 587 -30.56 4.92 -19.21
N LYS A 588 -29.59 5.18 -18.35
CA LYS A 588 -28.30 5.75 -18.77
C LYS A 588 -27.43 4.62 -19.30
N MET A 589 -27.40 4.46 -20.62
CA MET A 589 -26.54 3.49 -21.28
C MET A 589 -25.25 4.16 -21.75
N PHE A 590 -24.13 3.46 -21.55
CA PHE A 590 -22.82 3.95 -21.96
C PHE A 590 -22.18 2.97 -22.93
N ARG A 591 -21.55 3.51 -23.97
CA ARG A 591 -20.82 2.70 -24.95
C ARG A 591 -19.54 3.43 -25.31
N CYS A 592 -18.44 2.69 -25.40
CA CYS A 592 -17.13 3.26 -25.65
C CYS A 592 -16.63 2.87 -27.03
N THR A 593 -15.61 3.59 -27.49
CA THR A 593 -14.96 3.34 -28.77
C THR A 593 -13.54 3.89 -28.69
N LEU A 594 -12.59 3.15 -29.25
CA LEU A 594 -11.18 3.52 -29.17
C LEU A 594 -10.53 3.39 -30.53
N ARG A 595 -9.40 4.08 -30.69
CA ARG A 595 -8.62 4.01 -31.91
C ARG A 595 -7.16 3.69 -31.56
N LEU A 596 -6.62 2.70 -32.26
CA LEU A 596 -5.23 2.31 -32.07
C LEU A 596 -4.31 3.35 -32.71
N PRO A 597 -3.06 3.44 -32.25
CA PRO A 597 -2.11 4.36 -32.90
C PRO A 597 -1.71 3.91 -34.29
N ILE A 598 -0.79 4.66 -34.91
CA ILE A 598 -0.41 4.40 -36.29
C ILE A 598 0.36 3.09 -36.44
N ASN A 599 1.11 2.69 -35.41
CA ASN A 599 1.92 1.48 -35.51
C ASN A 599 1.09 0.22 -35.57
N SER A 600 -0.20 0.29 -35.25
CA SER A 600 -1.06 -0.89 -35.27
C SER A 600 -1.38 -1.29 -36.70
N PRO A 601 -1.18 -2.56 -37.08
CA PRO A 601 -1.64 -2.99 -38.41
C PRO A 601 -3.13 -2.80 -38.61
N LEU A 602 -3.93 -2.97 -37.57
CA LEU A 602 -5.37 -2.71 -37.63
C LEU A 602 -5.59 -1.21 -37.47
N ARG A 603 -6.43 -0.64 -38.33
CA ARG A 603 -6.68 0.80 -38.33
C ARG A 603 -8.12 1.15 -38.01
N GLU A 604 -9.06 0.29 -38.35
CA GLU A 604 -10.48 0.59 -38.15
C GLU A 604 -10.79 0.66 -36.65
N PRO A 605 -11.56 1.64 -36.20
CA PRO A 605 -11.88 1.73 -34.77
C PRO A 605 -12.69 0.55 -34.28
N ILE A 606 -12.45 0.18 -33.02
CA ILE A 606 -13.11 -0.94 -32.37
C ILE A 606 -14.16 -0.39 -31.42
N THR A 607 -15.35 -0.98 -31.44
CA THR A 607 -16.44 -0.58 -30.55
C THR A 607 -16.93 -1.80 -29.77
N GLY A 608 -17.55 -1.54 -28.63
CA GLY A 608 -18.04 -2.60 -27.78
C GLY A 608 -19.52 -2.52 -27.50
N GLN A 609 -20.02 -3.43 -26.66
CA GLN A 609 -21.42 -3.45 -26.30
C GLN A 609 -21.75 -2.30 -25.36
N PRO A 610 -23.02 -1.89 -25.29
CA PRO A 610 -23.43 -0.86 -24.33
C PRO A 610 -23.85 -1.44 -22.98
N MET A 611 -23.58 -0.68 -21.94
CA MET A 611 -24.00 -1.02 -20.58
C MET A 611 -24.00 0.26 -19.76
N PRO A 612 -24.67 0.27 -18.60
CA PRO A 612 -24.88 1.54 -17.88
C PRO A 612 -23.60 2.27 -17.49
N SER A 613 -22.52 1.56 -17.16
CA SER A 613 -21.32 2.21 -16.64
C SER A 613 -20.27 2.38 -17.75
N LYS A 614 -19.53 3.49 -17.66
CA LYS A 614 -18.52 3.82 -18.66
C LYS A 614 -17.26 2.98 -18.52
N LYS A 615 -16.88 2.66 -17.28
CA LYS A 615 -15.70 1.83 -17.07
C LYS A 615 -15.91 0.45 -17.68
N LEU A 616 -17.11 -0.12 -17.52
CA LEU A 616 -17.41 -1.38 -18.18
C LEU A 616 -17.44 -1.23 -19.70
N ALA A 617 -17.82 -0.04 -20.20
CA ALA A 617 -17.72 0.18 -21.65
C ALA A 617 -16.28 0.13 -22.12
N LYS A 618 -15.37 0.77 -21.38
CA LYS A 618 -13.95 0.69 -21.70
C LYS A 618 -13.45 -0.74 -21.65
N ARG A 619 -13.88 -1.49 -20.62
CA ARG A 619 -13.45 -2.88 -20.50
C ARG A 619 -13.99 -3.74 -21.64
N SER A 620 -15.24 -3.51 -22.05
CA SER A 620 -15.82 -4.27 -23.15
C SER A 620 -15.10 -3.98 -24.46
N ALA A 621 -14.82 -2.71 -24.73
CA ALA A 621 -14.05 -2.37 -25.92
C ALA A 621 -12.66 -3.01 -25.86
N ALA A 622 -12.06 -3.01 -24.67
CA ALA A 622 -10.75 -3.63 -24.49
C ALA A 622 -10.79 -5.11 -24.82
N LEU A 623 -11.81 -5.82 -24.31
CA LEU A 623 -11.92 -7.25 -24.56
C LEU A 623 -12.16 -7.55 -26.03
N GLU A 624 -13.02 -6.75 -26.68
CA GLU A 624 -13.27 -6.96 -28.10
C GLU A 624 -12.00 -6.72 -28.91
N ALA A 625 -11.25 -5.66 -28.58
CA ALA A 625 -10.01 -5.39 -29.27
C ALA A 625 -8.99 -6.51 -29.06
N CYS A 626 -8.92 -7.04 -27.84
CA CYS A 626 -8.01 -8.15 -27.57
C CYS A 626 -8.37 -9.36 -28.39
N LYS A 627 -9.66 -9.70 -28.46
CA LYS A 627 -10.08 -10.86 -29.23
C LYS A 627 -9.78 -10.66 -30.71
N LYS A 628 -10.05 -9.47 -31.24
CA LYS A 628 -9.77 -9.20 -32.64
C LYS A 628 -8.27 -9.28 -32.94
N LEU A 629 -7.45 -8.72 -32.04
CA LEU A 629 -6.01 -8.73 -32.25
C LEU A 629 -5.45 -10.15 -32.20
N HIS A 630 -5.95 -10.97 -31.28
CA HIS A 630 -5.54 -12.37 -31.25
C HIS A 630 -5.98 -13.09 -32.52
N GLU A 631 -7.18 -12.77 -33.02
CA GLU A 631 -7.63 -13.35 -34.29
C GLU A 631 -6.72 -12.95 -35.44
N MET A 632 -6.19 -11.73 -35.44
CA MET A 632 -5.27 -11.32 -36.49
C MET A 632 -4.01 -12.17 -36.51
N GLY A 633 -3.44 -12.46 -35.34
CA GLY A 633 -2.33 -13.38 -35.23
C GLY A 633 -1.07 -12.83 -34.58
N GLU A 634 -1.08 -11.61 -34.03
CA GLU A 634 0.11 -11.11 -33.36
C GLU A 634 0.35 -11.84 -32.05
N LEU A 635 -0.69 -12.02 -31.24
CA LEU A 635 -0.56 -12.68 -29.96
C LEU A 635 -0.18 -14.15 -30.15
N ASP A 636 0.64 -14.66 -29.24
CA ASP A 636 1.16 -16.02 -29.35
C ASP A 636 0.16 -17.01 -28.75
N ASP A 637 0.61 -18.25 -28.54
CA ASP A 637 -0.28 -19.30 -28.05
C ASP A 637 -0.84 -18.97 -26.68
N HIS A 638 -0.02 -18.46 -25.77
CA HIS A 638 -0.44 -18.23 -24.40
C HIS A 638 -0.98 -16.82 -24.16
N LEU A 639 -1.42 -16.14 -25.22
CA LEU A 639 -2.15 -14.87 -25.16
C LEU A 639 -1.35 -13.76 -24.48
N LEU A 640 -0.03 -13.80 -24.52
CA LEU A 640 0.71 -12.66 -24.00
C LEU A 640 1.26 -11.83 -25.16
N PRO A 641 1.39 -10.51 -24.98
CA PRO A 641 1.94 -9.68 -26.06
C PRO A 641 3.34 -10.12 -26.44
N VAL A 642 3.62 -10.10 -27.74
CA VAL A 642 4.88 -10.58 -28.29
C VAL A 642 5.66 -9.39 -28.81
N LYS A 643 6.92 -9.29 -28.42
CA LYS A 643 7.80 -8.24 -28.93
C LYS A 643 8.14 -8.54 -30.38
N ILE A 644 7.34 -8.00 -31.29
CA ILE A 644 7.51 -8.25 -32.73
C ILE A 644 8.69 -7.41 -33.19
N SER A 645 9.86 -8.03 -33.31
CA SER A 645 11.04 -7.33 -33.78
C SER A 645 10.90 -7.00 -35.26
N ARG A 646 11.84 -6.19 -35.76
CA ARG A 646 11.84 -5.86 -37.18
C ARG A 646 11.99 -7.10 -38.04
N LYS A 647 12.89 -8.02 -37.65
CA LYS A 647 12.98 -9.30 -38.32
C LYS A 647 11.70 -10.10 -38.19
N ASN A 648 11.07 -10.05 -37.00
CA ASN A 648 9.80 -10.75 -36.81
C ASN A 648 8.72 -10.16 -37.71
N ALA A 649 8.67 -8.82 -37.81
CA ALA A 649 7.68 -8.18 -38.67
C ALA A 649 7.91 -8.52 -40.13
N GLU A 650 9.16 -8.51 -40.58
CA GLU A 650 9.47 -8.85 -41.96
C GLU A 650 9.13 -10.31 -42.27
N LEU A 651 9.41 -11.22 -41.33
CA LEU A 651 9.11 -12.63 -41.55
C LEU A 651 7.60 -12.86 -41.65
N LYS A 652 6.82 -12.19 -40.81
CA LYS A 652 5.38 -12.33 -40.82
C LYS A 652 4.75 -11.54 -41.97
MG MG D . 0.74 -9.98 12.34
PB ADP E . 2.03 -12.56 15.39
O1B ADP E . 2.44 -11.13 15.20
O2B ADP E . 2.00 -13.03 16.82
O3B ADP E . 0.81 -12.97 14.60
PA ADP E . 4.79 -13.10 14.97
O1A ADP E . 5.16 -11.86 14.21
O2A ADP E . 5.56 -14.37 14.75
O3A ADP E . 3.22 -13.40 14.70
O5' ADP E . 4.91 -12.76 16.55
C5' ADP E . 4.92 -13.81 17.50
C4' ADP E . 6.21 -13.77 18.30
O4' ADP E . 6.17 -14.72 19.37
C3' ADP E . 7.40 -14.14 17.42
O3' ADP E . 8.27 -13.02 17.29
C2' ADP E . 8.11 -15.27 18.14
O2' ADP E . 9.49 -14.94 18.32
C1' ADP E . 7.41 -15.41 19.49
N9 ADP E . 7.19 -16.83 19.82
C8 ADP E . 5.99 -17.40 20.05
N7 ADP E . 6.11 -18.72 20.34
C5 ADP E . 7.42 -19.02 20.31
C6 ADP E . 8.25 -20.23 20.52
N6 ADP E . 7.67 -21.41 20.84
N1 ADP E . 9.58 -20.11 20.40
C2 ADP E . 10.16 -18.94 20.08
N3 ADP E . 9.48 -17.80 19.88
C4 ADP E . 8.13 -17.76 19.97
#